data_9GCO
#
_entry.id   9GCO
#
_cell.length_a   81.955
_cell.length_b   82.353
_cell.length_c   121.607
_cell.angle_alpha   90.000
_cell.angle_beta   90.000
_cell.angle_gamma   90.000
#
_symmetry.space_group_name_H-M   'P 21 21 2'
#
loop_
_entity.id
_entity.type
_entity.pdbx_description
1 polymer Thioredoxin
2 polymer 'Toxin TreX'
3 polymer 'Immunity Protein TriX'
4 non-polymer 'CALCIUM ION'
5 non-polymer DI(HYDROXYETHYL)ETHER
6 water water
#
loop_
_entity_poly.entity_id
_entity_poly.type
_entity_poly.pdbx_seq_one_letter_code
_entity_poly.pdbx_strand_id
1 'polypeptide(L)'
;GASNEKIISDRIIHLADADFDAKKLNVKGAVLIEFWAEWCGPCKMIAPILDEVSEEYAGKLTVAKLNVDDHEQTPKAHGI
RGIPTLMLFKDGEKVATQVGALSKTQLKAFLDSHI
;
A,D
2 'polypeptide(L)'
;MAGGIGNKGDYIITYRGDTRSFTEIFDKGFETLGPSKDLYKHALDNRAPPSDFVSTTIDPTKTISFATKYGQKSGYMYTM
KTNHGIDVNKALGARSPFAAEAEIAMPGGVRAEDILGARAVNADGEMWDYTILNPKRYGK
;
B,E
3 'polypeptide(L)'
;MTDVDKRKIKIILNGEMEEAELHMITSPNRHCCLKIFHNNNQLAESNDTDYFSCFADLRNQLKNIIFLCKGAKINVYPSA
MSRDMSDGIVAYETTLGQPGLPENQVHIFDFEDKYVDITPEEQRKFHSQWFESLVDHHHHHH
;
C,F
#
loop_
_chem_comp.id
_chem_comp.type
_chem_comp.name
_chem_comp.formula
CA non-polymer 'CALCIUM ION' 'Ca 2'
PEG non-polymer DI(HYDROXYETHYL)ETHER 'C4 H10 O3'
#
# COMPACT_ATOMS: atom_id res chain seq x y z
N ILE A 8 -15.32 15.23 6.11
CA ILE A 8 -15.83 16.24 5.18
C ILE A 8 -14.72 17.24 4.79
N SER A 9 -14.51 17.44 3.50
CA SER A 9 -13.52 18.40 3.02
C SER A 9 -14.20 19.72 2.70
N ASP A 10 -13.67 20.80 3.26
CA ASP A 10 -14.32 22.10 3.20
C ASP A 10 -14.64 22.55 1.78
N ARG A 11 -13.67 22.43 0.85
CA ARG A 11 -13.83 23.02 -0.48
C ARG A 11 -14.39 22.06 -1.50
N ILE A 12 -14.73 20.85 -1.11
CA ILE A 12 -15.30 19.89 -2.04
C ILE A 12 -16.79 20.15 -2.18
N ILE A 13 -17.27 20.12 -3.42
CA ILE A 13 -18.70 20.27 -3.71
C ILE A 13 -19.23 18.89 -4.06
N HIS A 14 -20.54 18.70 -3.87
CA HIS A 14 -21.19 17.40 -4.03
C HIS A 14 -22.23 17.55 -5.13
N LEU A 15 -22.10 16.71 -6.15
CA LEU A 15 -22.93 16.83 -7.35
C LEU A 15 -24.16 15.95 -7.28
N ALA A 16 -25.19 16.33 -8.06
CA ALA A 16 -26.36 15.51 -8.29
C ALA A 16 -26.61 15.38 -9.80
N ASP A 17 -27.57 14.54 -10.17
CA ASP A 17 -27.88 14.33 -11.59
C ASP A 17 -28.22 15.64 -12.31
N ALA A 18 -28.84 16.61 -11.62
CA ALA A 18 -29.17 17.87 -12.27
C ALA A 18 -27.93 18.65 -12.73
N ASP A 19 -26.76 18.40 -12.15
CA ASP A 19 -25.56 19.13 -12.57
C ASP A 19 -24.98 18.59 -13.90
N PHE A 20 -25.68 17.68 -14.57
CA PHE A 20 -25.28 17.12 -15.84
C PHE A 20 -26.43 17.26 -16.82
N ASP A 21 -26.12 17.53 -18.08
CA ASP A 21 -27.06 17.36 -19.18
C ASP A 21 -26.45 16.30 -20.08
N ALA A 22 -26.95 15.06 -19.94
CA ALA A 22 -26.40 13.90 -20.63
C ALA A 22 -24.98 13.69 -20.10
N LYS A 23 -23.97 13.71 -20.98
CA LYS A 23 -22.57 13.49 -20.56
C LYS A 23 -21.80 14.79 -20.33
N LYS A 24 -22.47 15.94 -20.45
CA LYS A 24 -21.87 17.24 -20.22
C LYS A 24 -22.11 17.72 -18.78
N LEU A 25 -21.09 18.32 -18.19
CA LEU A 25 -21.19 18.85 -16.83
C LEU A 25 -21.56 20.33 -16.86
N ASN A 26 -22.61 20.69 -16.09
CA ASN A 26 -23.10 22.07 -16.03
C ASN A 26 -22.33 22.93 -15.04
N VAL A 27 -21.10 22.57 -14.72
CA VAL A 27 -20.26 23.30 -13.79
C VAL A 27 -19.07 23.84 -14.56
N LYS A 28 -18.75 25.10 -14.32
CA LYS A 28 -17.77 25.80 -15.12
C LYS A 28 -16.35 25.36 -14.81
N GLY A 29 -15.48 25.52 -15.81
CA GLY A 29 -14.06 25.40 -15.63
C GLY A 29 -13.55 23.96 -15.61
N ALA A 30 -12.44 23.79 -14.88
CA ALA A 30 -11.81 22.50 -14.73
C ALA A 30 -12.37 21.85 -13.46
N VAL A 31 -12.93 20.65 -13.59
CA VAL A 31 -13.57 19.97 -12.49
C VAL A 31 -13.09 18.53 -12.43
N LEU A 32 -12.60 18.11 -11.26
CA LEU A 32 -12.29 16.73 -10.97
C LEU A 32 -13.42 16.09 -10.19
N ILE A 33 -14.04 15.06 -10.75
CA ILE A 33 -15.12 14.35 -10.08
C ILE A 33 -14.63 12.98 -9.58
N GLU A 34 -14.93 12.67 -8.33
CA GLU A 34 -14.77 11.33 -7.80
C GLU A 34 -16.14 10.68 -7.70
N PHE A 35 -16.34 9.59 -8.46
CA PHE A 35 -17.47 8.70 -8.19
C PHE A 35 -17.06 7.83 -7.02
N TRP A 36 -17.90 7.81 -5.99
CA TRP A 36 -17.51 7.20 -4.73
C TRP A 36 -18.72 6.66 -3.97
N ALA A 37 -18.42 5.96 -2.88
CA ALA A 37 -19.45 5.46 -1.99
C ALA A 37 -18.95 5.47 -0.54
N GLU A 38 -19.86 5.67 0.39
CA GLU A 38 -19.48 5.81 1.78
C GLU A 38 -18.85 4.51 2.33
N TRP A 39 -19.24 3.36 1.80
CA TRP A 39 -18.87 2.05 2.36
C TRP A 39 -17.62 1.44 1.75
N CYS A 40 -16.97 2.13 0.80
CA CYS A 40 -15.91 1.57 -0.02
C CYS A 40 -14.54 1.91 0.55
N GLY A 41 -13.73 0.88 0.79
CA GLY A 41 -12.42 1.04 1.37
C GLY A 41 -11.48 1.88 0.50
N PRO A 42 -11.37 1.52 -0.78
CA PRO A 42 -10.48 2.30 -1.66
C PRO A 42 -10.86 3.77 -1.71
N CYS A 43 -12.15 4.08 -1.71
CA CYS A 43 -12.57 5.48 -1.71
C CYS A 43 -12.04 6.21 -0.48
N LYS A 44 -12.11 5.57 0.70
CA LYS A 44 -11.57 6.19 1.91
C LYS A 44 -10.06 6.35 1.83
N MET A 45 -9.37 5.44 1.14
CA MET A 45 -7.92 5.56 1.04
C MET A 45 -7.54 6.90 0.42
N ILE A 46 -8.31 7.38 -0.56
CA ILE A 46 -7.93 8.59 -1.27
C ILE A 46 -8.63 9.84 -0.75
N ALA A 47 -9.57 9.70 0.20
CA ALA A 47 -10.22 10.90 0.71
C ALA A 47 -9.22 11.95 1.24
N PRO A 48 -8.15 11.59 1.96
CA PRO A 48 -7.21 12.64 2.41
C PRO A 48 -6.44 13.27 1.27
N ILE A 49 -6.20 12.52 0.19
CA ILE A 49 -5.50 13.07 -0.96
C ILE A 49 -6.40 14.06 -1.69
N LEU A 50 -7.69 13.73 -1.85
CA LEU A 50 -8.62 14.68 -2.43
C LEU A 50 -8.80 15.90 -1.55
N ASP A 51 -8.71 15.76 -0.22
CA ASP A 51 -8.81 16.95 0.62
C ASP A 51 -7.66 17.92 0.32
N GLU A 52 -6.44 17.40 0.26
CA GLU A 52 -5.28 18.26 0.02
C GLU A 52 -5.34 18.91 -1.35
N VAL A 53 -5.70 18.14 -2.38
CA VAL A 53 -5.83 18.70 -3.73
C VAL A 53 -6.84 19.84 -3.76
N SER A 54 -8.01 19.63 -3.12
CA SER A 54 -9.03 20.67 -3.11
C SER A 54 -8.49 21.97 -2.48
N GLU A 55 -7.58 21.85 -1.50
CA GLU A 55 -6.96 23.02 -0.89
C GLU A 55 -5.90 23.59 -1.82
N GLU A 56 -5.09 22.70 -2.40
CA GLU A 56 -3.90 23.13 -3.11
C GLU A 56 -4.20 23.68 -4.49
N TYR A 57 -5.26 23.23 -5.14
CA TYR A 57 -5.64 23.67 -6.47
C TYR A 57 -6.79 24.68 -6.47
N ALA A 58 -7.16 25.20 -5.31
CA ALA A 58 -8.29 26.13 -5.25
C ALA A 58 -8.05 27.31 -6.20
N GLY A 59 -9.07 27.67 -6.96
CA GLY A 59 -8.95 28.71 -7.94
C GLY A 59 -8.48 28.24 -9.31
N LYS A 60 -7.92 27.04 -9.38
CA LYS A 60 -7.52 26.42 -10.63
C LYS A 60 -8.33 25.18 -10.95
N LEU A 61 -8.91 24.52 -9.96
CA LEU A 61 -9.64 23.28 -10.15
C LEU A 61 -10.71 23.17 -9.09
N THR A 62 -11.92 22.81 -9.49
CA THR A 62 -12.95 22.40 -8.56
C THR A 62 -12.86 20.88 -8.37
N VAL A 63 -12.85 20.44 -7.11
CA VAL A 63 -12.93 19.02 -6.77
C VAL A 63 -14.34 18.73 -6.33
N ALA A 64 -14.97 17.69 -6.92
CA ALA A 64 -16.38 17.38 -6.73
C ALA A 64 -16.54 15.89 -6.49
N LYS A 65 -17.61 15.52 -5.78
CA LYS A 65 -17.89 14.12 -5.50
C LYS A 65 -19.30 13.78 -5.94
N LEU A 66 -19.48 12.59 -6.54
CA LEU A 66 -20.78 12.09 -6.97
C LEU A 66 -20.99 10.74 -6.26
N ASN A 67 -21.88 10.73 -5.28
CA ASN A 67 -22.13 9.55 -4.45
C ASN A 67 -23.00 8.60 -5.27
N VAL A 68 -22.44 7.44 -5.63
CA VAL A 68 -23.17 6.52 -6.51
C VAL A 68 -24.37 5.88 -5.82
N ASP A 69 -24.47 6.00 -4.49
CA ASP A 69 -25.66 5.51 -3.81
C ASP A 69 -26.78 6.53 -3.77
N ASP A 70 -26.51 7.76 -4.17
CA ASP A 70 -27.49 8.81 -4.09
C ASP A 70 -28.04 9.22 -5.44
N HIS A 71 -27.36 8.88 -6.52
CA HIS A 71 -27.64 9.42 -7.84
C HIS A 71 -27.49 8.31 -8.85
N GLU A 72 -28.58 7.99 -9.53
CA GLU A 72 -28.66 6.86 -10.46
C GLU A 72 -28.36 7.25 -11.91
N GLN A 73 -28.82 8.42 -12.38
CA GLN A 73 -28.68 8.75 -13.80
C GLN A 73 -27.21 8.85 -14.21
N THR A 74 -26.41 9.63 -13.45
CA THR A 74 -25.08 10.02 -13.95
C THR A 74 -24.09 8.87 -13.99
N PRO A 75 -23.97 8.01 -12.98
CA PRO A 75 -23.01 6.89 -13.10
C PRO A 75 -23.28 6.04 -14.33
N LYS A 76 -24.56 5.81 -14.65
CA LYS A 76 -24.91 5.03 -15.84
C LYS A 76 -24.56 5.76 -17.13
N ALA A 77 -24.76 7.07 -17.15
CA ALA A 77 -24.41 7.84 -18.35
C ALA A 77 -22.94 7.68 -18.69
N HIS A 78 -22.08 7.57 -17.68
CA HIS A 78 -20.63 7.51 -17.88
C HIS A 78 -20.07 6.11 -17.69
N GLY A 79 -20.91 5.08 -17.65
CA GLY A 79 -20.42 3.72 -17.59
C GLY A 79 -19.57 3.41 -16.37
N ILE A 80 -19.93 3.95 -15.20
CA ILE A 80 -19.13 3.69 -14.01
C ILE A 80 -19.31 2.23 -13.61
N ARG A 81 -18.20 1.48 -13.56
CA ARG A 81 -18.23 0.08 -13.19
C ARG A 81 -17.49 -0.19 -11.88
N GLY A 82 -16.60 0.70 -11.49
CA GLY A 82 -15.83 0.51 -10.28
C GLY A 82 -15.55 1.85 -9.63
N ILE A 83 -15.20 1.79 -8.34
CA ILE A 83 -14.97 3.00 -7.56
C ILE A 83 -13.75 2.79 -6.66
N PRO A 84 -13.08 3.91 -6.33
CA PRO A 84 -13.34 5.27 -6.87
C PRO A 84 -13.01 5.37 -8.36
N THR A 85 -13.82 6.08 -9.13
CA THR A 85 -13.45 6.51 -10.47
C THR A 85 -13.25 8.01 -10.47
N LEU A 86 -12.09 8.45 -10.93
CA LEU A 86 -11.79 9.87 -11.07
C LEU A 86 -11.96 10.26 -12.52
N MET A 87 -12.70 11.35 -12.76
CA MET A 87 -13.07 11.80 -14.10
C MET A 87 -12.86 13.30 -14.18
N LEU A 88 -12.00 13.73 -15.09
CA LEU A 88 -11.63 15.13 -15.23
C LEU A 88 -12.44 15.78 -16.35
N PHE A 89 -13.05 16.95 -16.04
CA PHE A 89 -13.86 17.72 -16.97
C PHE A 89 -13.25 19.09 -17.18
N LYS A 90 -13.37 19.60 -18.41
CA LYS A 90 -12.89 20.94 -18.73
C LYS A 90 -13.91 21.62 -19.63
N ASP A 91 -14.43 22.79 -19.19
CA ASP A 91 -15.46 23.54 -19.92
C ASP A 91 -16.60 22.62 -20.32
N GLY A 92 -17.02 21.77 -19.37
CA GLY A 92 -18.19 20.92 -19.51
C GLY A 92 -17.96 19.55 -20.09
N GLU A 93 -16.80 19.29 -20.68
CA GLU A 93 -16.54 18.06 -21.43
C GLU A 93 -15.52 17.18 -20.73
N LYS A 94 -15.77 15.87 -20.75
CA LYS A 94 -14.83 14.91 -20.18
C LYS A 94 -13.53 14.83 -20.97
N VAL A 95 -12.38 14.90 -20.27
CA VAL A 95 -11.09 14.81 -20.95
C VAL A 95 -10.27 13.60 -20.54
N ALA A 96 -10.50 13.06 -19.35
CA ALA A 96 -9.68 11.93 -18.89
C ALA A 96 -10.36 11.22 -17.73
N THR A 97 -9.99 9.92 -17.54
CA THR A 97 -10.55 9.07 -16.49
C THR A 97 -9.48 8.15 -15.90
N GLN A 98 -9.52 7.93 -14.59
CA GLN A 98 -8.64 6.96 -13.90
C GLN A 98 -9.47 6.21 -12.87
N VAL A 99 -9.32 4.87 -12.83
CA VAL A 99 -10.04 4.03 -11.89
C VAL A 99 -9.08 3.49 -10.84
N GLY A 100 -9.45 3.68 -9.59
CA GLY A 100 -8.74 3.08 -8.48
C GLY A 100 -7.98 4.11 -7.67
N ALA A 101 -7.73 3.75 -6.42
CA ALA A 101 -6.96 4.61 -5.55
C ALA A 101 -5.57 4.79 -6.14
N LEU A 102 -4.99 5.92 -5.82
CA LEU A 102 -3.69 6.30 -6.35
C LEU A 102 -3.03 7.26 -5.38
N SER A 103 -1.72 7.45 -5.57
CA SER A 103 -0.92 8.34 -4.75
C SER A 103 -1.13 9.80 -5.15
N LYS A 104 -0.77 10.68 -4.24
CA LYS A 104 -0.80 12.11 -4.55
C LYS A 104 0.07 12.41 -5.76
N THR A 105 1.25 11.78 -5.84
CA THR A 105 2.15 12.01 -6.97
C THR A 105 1.46 11.67 -8.28
N GLN A 106 0.87 10.47 -8.36
CA GLN A 106 0.19 10.04 -9.58
C GLN A 106 -1.01 10.92 -9.89
N LEU A 107 -1.74 11.33 -8.86
CA LEU A 107 -2.90 12.17 -9.12
C LEU A 107 -2.49 13.55 -9.66
N LYS A 108 -1.43 14.13 -9.10
CA LYS A 108 -0.98 15.44 -9.58
C LYS A 108 -0.48 15.36 -11.01
N ALA A 109 0.23 14.27 -11.33
CA ALA A 109 0.69 14.07 -12.71
C ALA A 109 -0.50 13.95 -13.64
N PHE A 110 -1.54 13.25 -13.21
CA PHE A 110 -2.74 13.06 -14.02
C PHE A 110 -3.42 14.39 -14.31
N LEU A 111 -3.59 15.22 -13.28
CA LEU A 111 -4.25 16.51 -13.47
C LEU A 111 -3.44 17.45 -14.34
N ASP A 112 -2.15 17.68 -13.99
CA ASP A 112 -1.32 18.67 -14.71
C ASP A 112 -1.08 18.26 -16.16
N SER A 113 -1.15 16.98 -16.47
CA SER A 113 -0.95 16.59 -17.86
C SER A 113 -2.16 16.90 -18.74
N HIS A 114 -3.36 17.04 -18.15
CA HIS A 114 -4.59 17.31 -18.88
C HIS A 114 -5.13 18.70 -18.65
N ILE A 115 -4.69 19.37 -17.59
CA ILE A 115 -4.96 20.79 -17.39
C ILE A 115 -3.61 21.44 -17.74
N GLY B 9 -37.26 -0.53 10.34
CA GLY B 9 -36.56 -1.03 9.17
C GLY B 9 -35.16 -0.50 8.91
N ASP B 10 -34.24 -0.66 9.86
CA ASP B 10 -32.92 -0.03 9.76
C ASP B 10 -31.95 -0.89 8.95
N TYR B 11 -31.23 -0.27 8.04
CA TYR B 11 -30.21 -0.92 7.23
C TYR B 11 -28.83 -0.69 7.81
N ILE B 12 -27.96 -1.70 7.64
CA ILE B 12 -26.56 -1.62 8.05
C ILE B 12 -25.68 -2.24 6.97
N ILE B 13 -24.43 -1.84 6.98
CA ILE B 13 -23.41 -2.40 6.09
C ILE B 13 -22.80 -3.62 6.78
N THR B 14 -22.65 -4.72 6.06
CA THR B 14 -21.85 -5.82 6.57
C THR B 14 -20.99 -6.38 5.44
N TYR B 15 -20.14 -7.35 5.79
CA TYR B 15 -19.12 -7.82 4.87
C TYR B 15 -19.04 -9.34 4.94
N ARG B 16 -18.57 -9.92 3.85
CA ARG B 16 -18.41 -11.37 3.81
C ARG B 16 -17.21 -11.73 2.95
N GLY B 17 -16.42 -12.67 3.43
CA GLY B 17 -15.36 -13.26 2.62
C GLY B 17 -15.90 -14.51 1.96
N ASP B 18 -15.50 -14.72 0.71
CA ASP B 18 -16.03 -15.85 -0.06
C ASP B 18 -15.03 -16.16 -1.15
N THR B 19 -14.92 -17.44 -1.45
CA THR B 19 -14.09 -17.91 -2.55
C THR B 19 -14.82 -17.80 -3.88
N ARG B 20 -16.12 -17.53 -3.88
CA ARG B 20 -16.90 -17.51 -5.11
C ARG B 20 -16.78 -16.18 -5.82
N SER B 21 -16.63 -16.25 -7.15
CA SER B 21 -16.37 -15.05 -7.94
C SER B 21 -17.61 -14.16 -8.03
N PHE B 22 -17.37 -12.85 -8.27
CA PHE B 22 -18.47 -11.90 -8.26
C PHE B 22 -19.46 -12.15 -9.42
N THR B 23 -19.03 -12.82 -10.47
CA THR B 23 -19.96 -13.17 -11.54
C THR B 23 -21.12 -14.01 -11.01
N GLU B 24 -20.81 -15.00 -10.17
CA GLU B 24 -21.87 -15.82 -9.59
C GLU B 24 -22.64 -15.05 -8.52
N ILE B 25 -21.92 -14.44 -7.58
CA ILE B 25 -22.55 -13.85 -6.41
C ILE B 25 -23.47 -12.69 -6.80
N PHE B 26 -23.02 -11.83 -7.73
CA PHE B 26 -23.86 -10.73 -8.17
C PHE B 26 -25.16 -11.22 -8.80
N ASP B 27 -25.13 -12.40 -9.42
CA ASP B 27 -26.32 -12.94 -10.05
C ASP B 27 -27.26 -13.62 -9.04
N LYS B 28 -26.70 -14.42 -8.12
CA LYS B 28 -27.52 -15.33 -7.32
C LYS B 28 -27.55 -15.00 -5.82
N GLY B 29 -26.85 -13.98 -5.39
CA GLY B 29 -26.85 -13.66 -3.96
C GLY B 29 -26.17 -14.73 -3.12
N PHE B 30 -26.38 -14.65 -1.81
CA PHE B 30 -25.84 -15.62 -0.87
C PHE B 30 -26.98 -16.48 -0.37
N GLU B 31 -26.97 -17.75 -0.73
CA GLU B 31 -28.04 -18.69 -0.34
C GLU B 31 -27.63 -19.48 0.88
N THR B 32 -28.62 -19.86 1.70
CA THR B 32 -28.40 -20.73 2.85
C THR B 32 -28.41 -22.20 2.43
N LEU B 33 -28.00 -23.09 3.35
CA LEU B 33 -27.95 -24.52 3.07
C LEU B 33 -28.97 -25.33 3.86
N GLY B 34 -29.79 -24.71 4.70
CA GLY B 34 -30.72 -25.48 5.52
C GLY B 34 -31.92 -24.70 6.01
N PRO B 35 -32.83 -25.41 6.70
CA PRO B 35 -34.09 -24.78 7.10
C PRO B 35 -34.16 -24.31 8.55
N SER B 36 -33.16 -24.67 9.37
CA SER B 36 -33.27 -24.40 10.79
C SER B 36 -33.11 -22.91 11.10
N LYS B 37 -34.09 -22.37 11.83
CA LYS B 37 -34.07 -20.96 12.20
C LYS B 37 -33.63 -20.75 13.65
N ASP B 38 -33.04 -21.76 14.27
CA ASP B 38 -32.64 -21.74 15.69
C ASP B 38 -31.24 -21.15 15.77
N LEU B 39 -31.14 -19.95 16.34
CA LEU B 39 -29.87 -19.24 16.34
C LEU B 39 -28.88 -19.88 17.30
N TYR B 40 -29.37 -20.41 18.42
CA TYR B 40 -28.54 -21.15 19.37
C TYR B 40 -27.90 -22.36 18.70
N LYS B 41 -28.66 -23.09 17.90
CA LYS B 41 -28.07 -24.25 17.22
C LYS B 41 -27.19 -23.82 16.08
N HIS B 42 -27.48 -22.68 15.45
CA HIS B 42 -26.59 -22.13 14.43
C HIS B 42 -25.21 -21.86 15.00
N ALA B 43 -25.15 -21.30 16.22
CA ALA B 43 -23.88 -20.96 16.84
C ALA B 43 -23.11 -22.20 17.27
N LEU B 44 -23.79 -23.18 17.86
CA LEU B 44 -23.14 -24.43 18.25
C LEU B 44 -22.53 -25.14 17.04
N ASP B 45 -23.33 -25.31 15.98
CA ASP B 45 -22.94 -26.10 14.83
C ASP B 45 -23.93 -25.84 13.72
N ASN B 46 -23.58 -24.97 12.76
CA ASN B 46 -24.53 -24.53 11.74
C ASN B 46 -24.67 -25.56 10.63
N ARG B 47 -24.05 -26.72 10.75
CA ARG B 47 -24.26 -27.82 9.83
C ARG B 47 -25.03 -28.98 10.45
N ALA B 48 -25.35 -28.90 11.75
CA ALA B 48 -26.06 -29.97 12.43
C ALA B 48 -26.96 -29.38 13.51
N PRO B 49 -28.21 -29.05 13.17
CA PRO B 49 -28.85 -29.13 11.84
C PRO B 49 -28.39 -27.96 10.94
N PRO B 50 -28.38 -28.16 9.62
CA PRO B 50 -28.02 -27.08 8.71
C PRO B 50 -28.97 -25.90 8.89
N SER B 51 -28.40 -24.71 9.03
CA SER B 51 -29.16 -23.56 9.48
C SER B 51 -29.57 -22.67 8.30
N ASP B 52 -30.65 -21.91 8.51
CA ASP B 52 -31.12 -20.97 7.48
C ASP B 52 -30.54 -19.57 7.68
N PHE B 53 -29.24 -19.48 7.93
CA PHE B 53 -28.55 -18.21 8.05
C PHE B 53 -27.31 -18.16 7.18
N VAL B 54 -27.04 -16.99 6.61
CA VAL B 54 -25.74 -16.67 5.99
C VAL B 54 -24.98 -15.80 6.97
N SER B 55 -23.70 -16.14 7.22
CA SER B 55 -22.86 -15.37 8.16
C SER B 55 -22.25 -14.16 7.45
N THR B 56 -22.31 -12.98 8.10
CA THR B 56 -21.61 -11.78 7.66
C THR B 56 -21.01 -11.13 8.91
N THR B 57 -20.16 -10.12 8.72
CA THR B 57 -19.53 -9.46 9.85
C THR B 57 -19.62 -7.97 9.66
N ILE B 58 -19.65 -7.23 10.77
CA ILE B 58 -19.55 -5.77 10.68
C ILE B 58 -18.11 -5.32 10.64
N ASP B 59 -17.14 -6.25 10.79
CA ASP B 59 -15.73 -5.90 10.83
C ASP B 59 -15.05 -6.44 9.59
N PRO B 60 -14.73 -5.60 8.60
CA PRO B 60 -14.21 -6.15 7.33
C PRO B 60 -12.89 -6.88 7.47
N THR B 61 -12.06 -6.52 8.46
CA THR B 61 -10.78 -7.21 8.62
C THR B 61 -10.97 -8.68 8.98
N LYS B 62 -12.12 -9.03 9.58
CA LYS B 62 -12.37 -10.42 9.96
C LYS B 62 -12.62 -11.31 8.75
N THR B 63 -12.84 -10.75 7.56
CA THR B 63 -13.14 -11.58 6.40
C THR B 63 -11.88 -12.15 5.75
N ILE B 64 -10.71 -11.56 6.01
CA ILE B 64 -9.56 -11.81 5.16
C ILE B 64 -8.99 -13.20 5.40
N SER B 65 -8.86 -13.62 6.66
CA SER B 65 -8.31 -14.96 6.88
C SER B 65 -9.20 -16.01 6.24
N PHE B 66 -10.51 -15.77 6.22
CA PHE B 66 -11.44 -16.74 5.65
C PHE B 66 -11.38 -16.72 4.14
N ALA B 67 -11.41 -15.52 3.55
CA ALA B 67 -11.41 -15.42 2.10
C ALA B 67 -10.14 -16.00 1.50
N THR B 68 -9.01 -15.90 2.20
CA THR B 68 -7.73 -16.43 1.70
C THR B 68 -7.42 -17.84 2.19
N LYS B 69 -8.32 -18.48 2.96
CA LYS B 69 -8.06 -19.80 3.53
C LYS B 69 -6.72 -19.83 4.26
N TYR B 70 -6.57 -18.86 5.17
CA TYR B 70 -5.39 -18.71 6.02
C TYR B 70 -4.13 -18.39 5.19
N GLY B 71 -4.24 -17.41 4.30
CA GLY B 71 -3.11 -16.96 3.50
C GLY B 71 -2.64 -17.95 2.46
N GLN B 72 -3.53 -18.83 1.98
CA GLN B 72 -3.16 -19.85 1.01
C GLN B 72 -3.76 -19.65 -0.38
N LYS B 73 -4.93 -19.00 -0.50
CA LYS B 73 -5.61 -18.88 -1.80
C LYS B 73 -6.12 -17.44 -1.95
N SER B 74 -6.40 -17.03 -3.19
CA SER B 74 -7.07 -15.77 -3.38
C SER B 74 -8.58 -15.94 -3.20
N GLY B 75 -9.26 -14.82 -3.04
CA GLY B 75 -10.68 -14.84 -2.75
C GLY B 75 -11.26 -13.46 -2.93
N TYR B 76 -12.45 -13.25 -2.38
CA TYR B 76 -13.12 -11.95 -2.49
C TYR B 76 -13.75 -11.52 -1.18
N MET B 77 -13.83 -10.20 -0.98
CA MET B 77 -14.56 -9.60 0.11
C MET B 77 -15.76 -8.86 -0.45
N TYR B 78 -16.97 -9.27 -0.04
CA TYR B 78 -18.22 -8.65 -0.49
C TYR B 78 -18.77 -7.70 0.55
N THR B 79 -19.36 -6.60 0.09
CA THR B 79 -20.01 -5.62 0.96
C THR B 79 -21.48 -5.62 0.63
N MET B 80 -22.33 -5.57 1.66
CA MET B 80 -23.77 -5.58 1.43
C MET B 80 -24.47 -4.59 2.36
N LYS B 81 -25.73 -4.30 2.06
CA LYS B 81 -26.60 -3.44 2.88
C LYS B 81 -27.94 -4.12 3.07
N THR B 82 -28.32 -4.38 4.32
CA THR B 82 -29.47 -5.23 4.62
C THR B 82 -30.18 -4.68 5.87
N ASN B 83 -31.43 -5.06 6.04
CA ASN B 83 -32.19 -4.66 7.22
C ASN B 83 -32.79 -5.86 7.95
N HIS B 84 -32.42 -7.09 7.59
CA HIS B 84 -33.09 -8.26 8.16
C HIS B 84 -32.11 -9.11 8.98
N GLY B 85 -30.89 -8.64 9.21
CA GLY B 85 -29.91 -9.45 9.90
C GLY B 85 -30.13 -9.50 11.39
N ILE B 86 -29.60 -10.56 12.00
CA ILE B 86 -29.69 -10.80 13.44
C ILE B 86 -28.28 -10.74 14.04
N ASP B 87 -28.09 -9.83 14.97
CA ASP B 87 -26.81 -9.61 15.65
C ASP B 87 -26.60 -10.75 16.63
N VAL B 88 -25.59 -11.58 16.39
CA VAL B 88 -25.49 -12.80 17.18
C VAL B 88 -25.12 -12.51 18.63
N ASN B 89 -24.09 -11.67 18.84
CA ASN B 89 -23.67 -11.35 20.22
C ASN B 89 -24.83 -10.75 20.99
N LYS B 90 -25.63 -9.92 20.33
CA LYS B 90 -26.81 -9.33 20.93
C LYS B 90 -27.82 -10.38 21.38
N ALA B 91 -28.02 -11.42 20.55
CA ALA B 91 -28.94 -12.49 20.89
C ALA B 91 -28.37 -13.44 21.94
N LEU B 92 -27.05 -13.73 21.91
CA LEU B 92 -26.53 -14.78 22.79
C LEU B 92 -25.79 -14.25 24.02
N GLY B 93 -25.24 -13.05 23.93
CA GLY B 93 -24.59 -12.48 25.11
C GLY B 93 -23.26 -13.11 25.39
N ALA B 94 -22.94 -13.24 26.68
CA ALA B 94 -21.63 -13.72 27.12
C ALA B 94 -21.29 -15.10 26.56
N ARG B 95 -22.28 -15.95 26.31
CA ARG B 95 -22.04 -17.29 25.81
C ARG B 95 -21.95 -17.35 24.28
N SER B 96 -21.90 -16.21 23.59
CA SER B 96 -21.65 -16.22 22.16
C SER B 96 -20.28 -16.84 21.90
N PRO B 97 -20.19 -17.91 21.13
CA PRO B 97 -18.95 -18.71 21.17
C PRO B 97 -17.76 -18.03 20.52
N PHE B 98 -17.98 -17.13 19.58
CA PHE B 98 -16.92 -16.49 18.83
C PHE B 98 -17.28 -15.01 18.73
N ALA B 99 -17.45 -14.38 19.89
CA ALA B 99 -17.88 -12.99 19.96
C ALA B 99 -17.06 -12.06 19.08
N ALA B 100 -15.75 -12.28 18.96
CA ALA B 100 -14.93 -11.31 18.24
C ALA B 100 -15.17 -11.33 16.73
N GLU B 101 -15.90 -12.31 16.21
CA GLU B 101 -16.24 -12.27 14.79
C GLU B 101 -17.22 -11.15 14.46
N ALA B 102 -17.94 -10.61 15.46
CA ALA B 102 -18.94 -9.57 15.25
C ALA B 102 -19.91 -9.95 14.13
N GLU B 103 -20.54 -11.11 14.31
CA GLU B 103 -21.33 -11.78 13.29
C GLU B 103 -22.74 -11.20 13.22
N ILE B 104 -23.19 -10.92 12.00
CA ILE B 104 -24.58 -10.59 11.69
C ILE B 104 -25.13 -11.76 10.89
N ALA B 105 -25.97 -12.61 11.52
CA ALA B 105 -26.56 -13.77 10.85
C ALA B 105 -27.76 -13.35 10.00
N MET B 106 -27.73 -13.69 8.69
CA MET B 106 -28.77 -13.27 7.75
C MET B 106 -29.80 -14.37 7.49
N PRO B 107 -30.99 -14.31 8.10
CA PRO B 107 -31.95 -15.42 7.93
C PRO B 107 -32.44 -15.51 6.50
N GLY B 108 -32.51 -16.74 5.97
CA GLY B 108 -32.91 -16.90 4.58
C GLY B 108 -31.93 -16.37 3.55
N GLY B 109 -30.76 -15.92 3.95
CA GLY B 109 -29.72 -15.50 3.02
C GLY B 109 -29.76 -14.01 2.69
N VAL B 110 -29.06 -13.67 1.61
CA VAL B 110 -28.96 -12.27 1.15
C VAL B 110 -29.29 -12.24 -0.32
N ARG B 111 -30.29 -11.44 -0.69
CA ARG B 111 -30.64 -11.24 -2.08
C ARG B 111 -29.51 -10.56 -2.83
N ALA B 112 -29.41 -10.88 -4.13
CA ALA B 112 -28.37 -10.29 -4.98
C ALA B 112 -28.48 -8.76 -4.98
N GLU B 113 -29.71 -8.24 -4.93
CA GLU B 113 -29.94 -6.80 -4.97
C GLU B 113 -29.34 -6.06 -3.78
N ASP B 114 -29.11 -6.75 -2.66
CA ASP B 114 -28.55 -6.10 -1.49
C ASP B 114 -27.03 -6.18 -1.44
N ILE B 115 -26.39 -6.76 -2.44
CA ILE B 115 -24.94 -6.87 -2.46
C ILE B 115 -24.43 -5.67 -3.24
N LEU B 116 -23.57 -4.86 -2.64
CA LEU B 116 -23.17 -3.60 -3.23
C LEU B 116 -21.95 -3.76 -4.14
N GLY B 117 -20.95 -4.50 -3.67
CA GLY B 117 -19.77 -4.67 -4.50
C GLY B 117 -18.83 -5.72 -3.98
N ALA B 118 -17.74 -5.86 -4.70
CA ALA B 118 -16.74 -6.86 -4.41
C ALA B 118 -15.35 -6.29 -4.63
N ARG B 119 -14.39 -6.82 -3.87
CA ARG B 119 -13.00 -6.41 -3.92
C ARG B 119 -12.14 -7.66 -3.72
N ALA B 120 -11.27 -7.97 -4.69
CA ALA B 120 -10.56 -9.25 -4.57
C ALA B 120 -9.38 -9.12 -3.60
N VAL B 121 -8.92 -10.27 -3.10
CA VAL B 121 -7.80 -10.38 -2.15
C VAL B 121 -6.98 -11.58 -2.58
N ASN B 122 -5.66 -11.40 -2.70
CA ASN B 122 -4.79 -12.52 -3.03
C ASN B 122 -4.32 -13.21 -1.75
N ALA B 123 -3.53 -14.27 -1.92
CA ALA B 123 -3.20 -15.11 -0.77
C ALA B 123 -2.33 -14.36 0.25
N ASP B 124 -1.63 -13.31 -0.17
CA ASP B 124 -0.81 -12.56 0.77
C ASP B 124 -1.58 -11.41 1.43
N GLY B 125 -2.91 -11.39 1.27
CA GLY B 125 -3.75 -10.37 1.88
C GLY B 125 -3.75 -9.04 1.17
N GLU B 126 -3.14 -8.93 0.01
CA GLU B 126 -3.17 -7.72 -0.79
C GLU B 126 -4.46 -7.69 -1.62
N MET B 127 -5.10 -6.52 -1.66
CA MET B 127 -6.40 -6.37 -2.31
C MET B 127 -6.38 -5.38 -3.48
N TRP B 128 -7.41 -5.48 -4.32
CA TRP B 128 -7.56 -4.49 -5.39
C TRP B 128 -7.54 -3.07 -4.83
N ASP B 129 -7.08 -2.15 -5.65
CA ASP B 129 -7.19 -0.71 -5.42
C ASP B 129 -8.59 -0.16 -5.71
N TYR B 130 -9.58 -1.01 -5.94
CA TYR B 130 -10.92 -0.50 -6.30
C TYR B 130 -11.95 -1.54 -5.91
N THR B 131 -13.21 -1.12 -5.90
CA THR B 131 -14.34 -2.01 -5.70
C THR B 131 -15.16 -2.08 -6.97
N ILE B 132 -15.49 -3.29 -7.42
CA ILE B 132 -16.41 -3.45 -8.54
C ILE B 132 -17.85 -3.40 -8.05
N LEU B 133 -18.66 -2.56 -8.69
CA LEU B 133 -20.05 -2.41 -8.29
C LEU B 133 -20.90 -3.58 -8.80
N ASN B 134 -21.88 -3.98 -7.99
CA ASN B 134 -22.89 -4.94 -8.46
C ASN B 134 -23.84 -4.34 -9.48
N PRO B 135 -23.81 -4.76 -10.74
CA PRO B 135 -24.73 -4.15 -11.72
C PRO B 135 -26.18 -4.52 -11.46
N LYS B 136 -26.45 -5.60 -10.74
CA LYS B 136 -27.82 -5.89 -10.32
C LYS B 136 -28.35 -4.85 -9.34
N ARG B 137 -27.46 -4.02 -8.78
CA ARG B 137 -27.88 -2.89 -7.96
C ARG B 137 -27.60 -1.54 -8.60
N TYR B 138 -26.60 -1.42 -9.48
CA TYR B 138 -26.27 -0.11 -10.07
C TYR B 138 -26.44 -0.10 -11.61
N ASP C 3 -11.85 -25.64 -9.49
CA ASP C 3 -10.45 -25.45 -9.08
C ASP C 3 -9.95 -26.64 -8.26
N VAL C 4 -8.69 -27.03 -8.50
CA VAL C 4 -8.06 -28.15 -7.80
C VAL C 4 -6.88 -27.65 -6.98
N ASP C 5 -6.92 -27.95 -5.69
CA ASP C 5 -5.85 -27.64 -4.75
C ASP C 5 -5.33 -28.95 -4.18
N LYS C 6 -4.03 -29.02 -3.99
CA LYS C 6 -3.40 -30.23 -3.49
C LYS C 6 -2.56 -29.90 -2.28
N ARG C 7 -2.45 -30.87 -1.40
CA ARG C 7 -1.71 -30.66 -0.16
C ARG C 7 -1.24 -32.00 0.35
N LYS C 8 0.02 -32.05 0.76
CA LYS C 8 0.59 -33.23 1.39
C LYS C 8 0.47 -33.10 2.90
N ILE C 9 0.14 -34.22 3.55
CA ILE C 9 -0.05 -34.30 5.00
C ILE C 9 0.71 -35.53 5.52
N LYS C 10 0.82 -35.61 6.84
CA LYS C 10 1.41 -36.79 7.48
C LYS C 10 0.30 -37.62 8.11
N ILE C 11 0.43 -38.93 8.03
CA ILE C 11 -0.50 -39.87 8.66
C ILE C 11 0.28 -40.97 9.38
N ILE C 12 -0.41 -41.64 10.30
CA ILE C 12 0.11 -42.83 10.95
C ILE C 12 -0.73 -43.99 10.45
N LEU C 13 -0.09 -44.86 9.68
CA LEU C 13 -0.73 -46.00 9.04
C LEU C 13 0.06 -47.24 9.42
N ASN C 14 -0.58 -48.17 10.12
CA ASN C 14 0.09 -49.38 10.58
C ASN C 14 1.31 -49.06 11.43
N GLY C 15 1.16 -48.08 12.33
CA GLY C 15 2.19 -47.75 13.28
C GLY C 15 3.39 -47.00 12.74
N GLU C 16 3.42 -46.72 11.43
CA GLU C 16 4.50 -45.97 10.79
C GLU C 16 3.96 -44.68 10.21
N MET C 17 4.70 -43.61 10.41
CA MET C 17 4.35 -42.34 9.83
C MET C 17 4.62 -42.36 8.33
N GLU C 18 3.65 -41.92 7.55
CA GLU C 18 3.78 -41.84 6.09
C GLU C 18 3.28 -40.48 5.60
N GLU C 19 3.74 -40.09 4.42
CA GLU C 19 3.22 -38.92 3.73
C GLU C 19 2.05 -39.33 2.83
N ALA C 20 1.01 -38.50 2.81
CA ALA C 20 -0.16 -38.72 1.95
C ALA C 20 -0.48 -37.42 1.21
N GLU C 21 -1.28 -37.54 0.15
CA GLU C 21 -1.60 -36.39 -0.71
C GLU C 21 -3.10 -36.15 -0.71
N LEU C 22 -3.50 -34.95 -0.34
CA LEU C 22 -4.91 -34.55 -0.35
C LEU C 22 -5.22 -33.76 -1.62
N HIS C 23 -6.38 -34.05 -2.21
CA HIS C 23 -6.94 -33.24 -3.29
C HIS C 23 -8.22 -32.55 -2.84
N MET C 24 -8.27 -31.24 -3.04
CA MET C 24 -9.47 -30.43 -2.80
C MET C 24 -10.02 -30.01 -4.16
N ILE C 25 -11.24 -30.44 -4.49
CA ILE C 25 -11.91 -30.04 -5.73
C ILE C 25 -13.17 -29.29 -5.35
N THR C 26 -13.16 -27.97 -5.55
CA THR C 26 -14.31 -27.15 -5.25
C THR C 26 -15.11 -26.99 -6.54
N SER C 27 -16.34 -27.50 -6.52
CA SER C 27 -17.24 -27.50 -7.66
C SER C 27 -18.37 -26.52 -7.44
N PRO C 28 -19.13 -26.19 -8.48
CA PRO C 28 -20.29 -25.30 -8.31
C PRO C 28 -21.32 -25.92 -7.38
N ASN C 29 -22.28 -25.10 -6.97
CA ASN C 29 -23.32 -25.55 -6.05
C ASN C 29 -22.74 -25.96 -4.70
N ARG C 30 -21.65 -25.31 -4.31
CA ARG C 30 -21.02 -25.48 -3.01
C ARG C 30 -20.58 -26.92 -2.77
N HIS C 31 -20.27 -27.64 -3.84
CA HIS C 31 -19.89 -29.03 -3.76
C HIS C 31 -18.39 -29.09 -3.47
N CYS C 32 -18.04 -29.50 -2.26
CA CYS C 32 -16.66 -29.73 -1.88
C CYS C 32 -16.36 -31.22 -1.94
N CYS C 33 -15.26 -31.58 -2.61
CA CYS C 33 -14.80 -32.97 -2.72
C CYS C 33 -13.38 -33.09 -2.19
N LEU C 34 -13.15 -34.10 -1.36
CA LEU C 34 -11.88 -34.34 -0.70
C LEU C 34 -11.40 -35.75 -1.05
N LYS C 35 -10.21 -35.84 -1.65
CA LYS C 35 -9.59 -37.12 -1.98
C LYS C 35 -8.27 -37.27 -1.24
N ILE C 36 -7.93 -38.50 -0.85
CA ILE C 36 -6.65 -38.78 -0.21
C ILE C 36 -5.95 -39.91 -0.96
N PHE C 37 -4.69 -39.68 -1.29
CA PHE C 37 -3.84 -40.64 -2.00
C PHE C 37 -2.64 -40.97 -1.13
N HIS C 38 -2.23 -42.24 -1.18
CA HIS C 38 -1.06 -42.71 -0.46
C HIS C 38 -0.29 -43.60 -1.41
N ASN C 39 0.93 -43.20 -1.74
CA ASN C 39 1.71 -43.93 -2.71
C ASN C 39 0.92 -44.10 -4.01
N ASN C 40 0.23 -43.02 -4.39
CA ASN C 40 -0.49 -42.93 -5.65
C ASN C 40 -1.60 -43.97 -5.74
N ASN C 41 -2.21 -44.28 -4.60
CA ASN C 41 -3.45 -45.03 -4.52
C ASN C 41 -4.45 -44.18 -3.76
N GLN C 42 -5.66 -44.05 -4.31
CA GLN C 42 -6.73 -43.32 -3.64
C GLN C 42 -7.29 -44.20 -2.54
N LEU C 43 -7.13 -43.76 -1.30
CA LEU C 43 -7.66 -44.53 -0.19
C LEU C 43 -9.14 -44.26 0.03
N ALA C 44 -9.58 -43.02 -0.18
CA ALA C 44 -10.97 -42.67 0.09
C ALA C 44 -11.27 -41.31 -0.49
N GLU C 45 -12.56 -40.99 -0.52
CA GLU C 45 -13.01 -39.65 -0.87
C GLU C 45 -14.32 -39.38 -0.15
N SER C 46 -14.62 -38.10 0.04
CA SER C 46 -15.84 -37.67 0.69
C SER C 46 -16.31 -36.40 0.02
N ASN C 47 -17.63 -36.20 0.01
CA ASN C 47 -18.25 -35.01 -0.56
C ASN C 47 -19.13 -34.38 0.50
N ASP C 48 -19.17 -33.04 0.52
CA ASP C 48 -19.99 -32.27 1.46
C ASP C 48 -20.02 -30.81 0.98
N THR C 49 -20.53 -29.91 1.82
CA THR C 49 -20.62 -28.50 1.50
C THR C 49 -19.53 -27.67 2.19
N ASP C 50 -18.68 -28.30 2.99
CA ASP C 50 -17.48 -27.66 3.52
C ASP C 50 -16.44 -28.74 3.80
N TYR C 51 -15.16 -28.33 3.87
CA TYR C 51 -14.06 -29.28 3.95
C TYR C 51 -13.80 -29.81 5.36
N PHE C 52 -14.32 -29.17 6.41
CA PHE C 52 -14.22 -29.78 7.73
C PHE C 52 -15.14 -30.99 7.83
N SER C 53 -16.34 -30.88 7.25
CA SER C 53 -17.23 -32.04 7.17
C SER C 53 -16.66 -33.13 6.29
N CYS C 54 -16.12 -32.78 5.12
CA CYS C 54 -15.48 -33.78 4.27
C CYS C 54 -14.44 -34.56 5.07
N PHE C 55 -13.58 -33.83 5.81
CA PHE C 55 -12.45 -34.42 6.53
C PHE C 55 -12.93 -35.33 7.65
N ALA C 56 -13.97 -34.90 8.38
CA ALA C 56 -14.53 -35.75 9.41
C ALA C 56 -15.07 -37.05 8.81
N ASP C 57 -15.75 -36.94 7.66
CA ASP C 57 -16.29 -38.12 6.98
C ASP C 57 -15.15 -39.00 6.47
N LEU C 58 -14.08 -38.39 5.98
CA LEU C 58 -12.93 -39.15 5.49
C LEU C 58 -12.27 -39.93 6.62
N ARG C 59 -12.11 -39.30 7.79
CA ARG C 59 -11.52 -39.99 8.92
C ARG C 59 -12.43 -41.08 9.44
N ASN C 60 -13.74 -40.91 9.23
CA ASN C 60 -14.69 -41.95 9.60
C ASN C 60 -14.59 -43.16 8.68
N GLN C 61 -14.32 -42.94 7.39
CA GLN C 61 -14.11 -44.08 6.49
C GLN C 61 -12.80 -44.80 6.79
N LEU C 62 -11.77 -44.08 7.22
CA LEU C 62 -10.43 -44.65 7.44
C LEU C 62 -10.13 -44.69 8.94
N LYS C 63 -10.88 -45.56 9.61
CA LYS C 63 -10.92 -45.58 11.06
C LYS C 63 -9.58 -45.95 11.69
N ASN C 64 -8.73 -46.67 10.97
CA ASN C 64 -7.48 -47.15 11.53
C ASN C 64 -6.29 -46.26 11.23
N ILE C 65 -6.53 -45.10 10.63
CA ILE C 65 -5.48 -44.15 10.29
C ILE C 65 -5.58 -42.98 11.24
N ILE C 66 -4.46 -42.55 11.80
CA ILE C 66 -4.40 -41.30 12.57
C ILE C 66 -3.96 -40.20 11.64
N PHE C 67 -4.72 -39.11 11.62
CA PHE C 67 -4.44 -37.97 10.76
C PHE C 67 -3.76 -36.91 11.62
N LEU C 68 -2.53 -36.55 11.27
CA LEU C 68 -1.74 -35.59 12.05
C LEU C 68 -1.99 -34.16 11.55
N CYS C 69 -3.24 -33.73 11.73
CA CYS C 69 -3.74 -32.45 11.22
C CYS C 69 -4.58 -31.77 12.29
N LYS C 70 -4.55 -30.44 12.25
CA LYS C 70 -5.31 -29.65 13.21
C LYS C 70 -6.79 -29.98 13.12
N GLY C 71 -7.29 -30.24 11.90
CA GLY C 71 -8.70 -30.57 11.72
C GLY C 71 -9.13 -31.86 12.38
N ALA C 72 -8.17 -32.70 12.80
CA ALA C 72 -8.47 -33.93 13.51
C ALA C 72 -8.39 -33.78 15.02
N LYS C 73 -7.98 -32.62 15.51
CA LYS C 73 -7.69 -32.43 16.93
C LYS C 73 -8.99 -32.33 17.72
N ILE C 74 -8.99 -32.94 18.90
CA ILE C 74 -10.23 -33.08 19.65
C ILE C 74 -10.87 -31.73 19.95
N ASN C 75 -10.06 -30.68 20.17
CA ASN C 75 -10.62 -29.39 20.56
C ASN C 75 -10.68 -28.37 19.42
N VAL C 76 -10.55 -28.79 18.18
CA VAL C 76 -10.66 -27.89 17.03
C VAL C 76 -12.04 -28.07 16.43
N TYR C 77 -12.65 -26.95 16.01
CA TYR C 77 -13.94 -26.98 15.33
C TYR C 77 -14.13 -25.65 14.62
N PRO C 78 -14.80 -25.63 13.46
CA PRO C 78 -15.06 -24.35 12.82
C PRO C 78 -16.20 -23.63 13.51
N SER C 79 -16.16 -22.31 13.44
CA SER C 79 -17.31 -21.48 13.77
C SER C 79 -18.29 -21.51 12.62
N ALA C 80 -19.52 -21.08 12.88
CA ALA C 80 -20.47 -20.89 11.79
C ALA C 80 -19.84 -20.04 10.69
N MET C 81 -19.23 -18.93 11.10
CA MET C 81 -18.70 -18.00 10.11
C MET C 81 -17.52 -18.59 9.36
N SER C 82 -16.63 -19.29 10.07
CA SER C 82 -15.43 -19.82 9.42
C SER C 82 -15.79 -20.97 8.50
N ARG C 83 -16.76 -21.79 8.90
CA ARG C 83 -17.23 -22.87 8.04
C ARG C 83 -17.81 -22.28 6.77
N ASP C 84 -18.65 -21.25 6.92
CA ASP C 84 -19.35 -20.62 5.81
C ASP C 84 -18.38 -19.86 4.90
N MET C 85 -17.58 -18.96 5.47
CA MET C 85 -16.78 -18.08 4.61
C MET C 85 -15.51 -18.76 4.07
N SER C 86 -14.95 -19.74 4.76
CA SER C 86 -13.70 -20.34 4.30
C SER C 86 -13.90 -21.75 3.75
N ASP C 87 -15.15 -22.16 3.54
CA ASP C 87 -15.52 -23.52 3.14
C ASP C 87 -14.94 -24.55 4.11
N GLY C 88 -14.84 -24.18 5.39
CA GLY C 88 -14.43 -25.11 6.42
C GLY C 88 -12.94 -25.27 6.56
N ILE C 89 -12.16 -24.56 5.75
CA ILE C 89 -10.71 -24.73 5.78
C ILE C 89 -10.12 -24.10 7.02
N VAL C 90 -10.75 -23.03 7.53
CA VAL C 90 -10.28 -22.35 8.74
C VAL C 90 -11.21 -22.74 9.89
N ALA C 91 -10.61 -23.13 11.01
CA ALA C 91 -11.30 -23.59 12.21
C ALA C 91 -10.62 -22.95 13.40
N TYR C 92 -11.12 -23.28 14.59
CA TYR C 92 -10.55 -22.73 15.83
C TYR C 92 -10.08 -23.82 16.78
N GLU C 93 -8.96 -23.53 17.47
CA GLU C 93 -8.52 -24.31 18.62
C GLU C 93 -9.15 -23.76 19.90
N THR C 94 -9.99 -24.54 20.57
CA THR C 94 -10.82 -24.04 21.66
C THR C 94 -10.33 -24.51 23.03
N THR C 95 -10.70 -23.74 24.07
CA THR C 95 -10.36 -24.02 25.46
C THR C 95 -11.61 -23.89 26.33
N LEU C 96 -11.84 -24.87 27.22
CA LEU C 96 -13.04 -24.88 28.05
C LEU C 96 -13.18 -23.58 28.83
N GLY C 97 -14.37 -22.97 28.77
CA GLY C 97 -14.63 -21.74 29.50
C GLY C 97 -14.32 -20.47 28.75
N GLN C 98 -13.66 -20.58 27.60
CA GLN C 98 -13.08 -19.43 26.88
C GLN C 98 -13.72 -19.29 25.50
N PRO C 99 -14.37 -18.17 25.17
CA PRO C 99 -14.80 -17.97 23.78
C PRO C 99 -13.61 -18.06 22.83
N GLY C 100 -13.89 -18.49 21.61
CA GLY C 100 -12.81 -18.61 20.62
C GLY C 100 -12.40 -17.23 20.10
N LEU C 101 -11.11 -17.06 19.89
CA LEU C 101 -10.53 -15.79 19.50
C LEU C 101 -9.81 -15.91 18.16
N PRO C 102 -9.58 -14.80 17.46
CA PRO C 102 -8.84 -14.87 16.18
C PRO C 102 -7.47 -15.52 16.24
N GLU C 103 -6.69 -15.29 17.31
CA GLU C 103 -5.41 -15.95 17.51
C GLU C 103 -5.54 -17.48 17.66
N ASN C 104 -6.75 -18.00 17.86
CA ASN C 104 -6.93 -19.45 17.91
C ASN C 104 -7.29 -20.03 16.54
N GLN C 105 -7.38 -19.20 15.49
CA GLN C 105 -7.72 -19.75 14.17
C GLN C 105 -6.58 -20.64 13.67
N VAL C 106 -6.93 -21.71 12.95
CA VAL C 106 -5.96 -22.62 12.36
C VAL C 106 -6.49 -23.10 11.01
N HIS C 107 -5.57 -23.50 10.14
CA HIS C 107 -5.87 -24.16 8.87
C HIS C 107 -6.03 -25.64 9.17
N ILE C 108 -7.11 -26.27 8.69
CA ILE C 108 -7.39 -27.60 9.20
C ILE C 108 -6.34 -28.62 8.78
N PHE C 109 -5.53 -28.33 7.76
CA PHE C 109 -4.52 -29.31 7.32
C PHE C 109 -3.12 -28.93 7.76
N ASP C 110 -2.99 -27.96 8.66
CA ASP C 110 -1.72 -27.70 9.31
C ASP C 110 -1.38 -28.85 10.26
N PHE C 111 -0.08 -29.10 10.43
CA PHE C 111 0.40 -30.24 11.19
C PHE C 111 -0.05 -30.21 12.63
N GLU C 112 -0.37 -31.38 13.18
CA GLU C 112 -0.62 -31.52 14.61
C GLU C 112 -0.42 -32.96 15.01
N ASP C 113 0.26 -33.19 16.14
CA ASP C 113 0.47 -34.55 16.62
C ASP C 113 -0.09 -34.79 18.02
N LYS C 114 -0.83 -33.85 18.59
CA LYS C 114 -1.32 -33.98 19.96
C LYS C 114 -2.84 -34.08 19.92
N TYR C 115 -3.39 -35.05 20.65
CA TYR C 115 -4.84 -35.20 20.79
C TYR C 115 -5.52 -35.37 19.43
N VAL C 116 -4.89 -36.11 18.52
CA VAL C 116 -5.48 -36.34 17.20
C VAL C 116 -5.88 -37.79 16.99
N ASP C 117 -5.48 -38.71 17.88
CA ASP C 117 -5.88 -40.11 17.81
C ASP C 117 -7.27 -40.26 18.44
N ILE C 118 -8.25 -39.66 17.76
CA ILE C 118 -9.61 -39.58 18.29
C ILE C 118 -10.57 -39.56 17.12
N THR C 119 -11.79 -40.08 17.36
CA THR C 119 -12.74 -40.18 16.26
C THR C 119 -13.42 -38.83 16.01
N PRO C 120 -13.89 -38.59 14.80
CA PRO C 120 -14.75 -37.42 14.57
C PRO C 120 -15.88 -37.28 15.59
N GLU C 121 -16.46 -38.40 16.05
CA GLU C 121 -17.55 -38.29 17.02
C GLU C 121 -17.05 -37.73 18.35
N GLU C 122 -15.83 -38.14 18.76
CA GLU C 122 -15.24 -37.62 19.99
C GLU C 122 -14.98 -36.13 19.88
N GLN C 123 -14.50 -35.71 18.71
CA GLN C 123 -14.29 -34.29 18.45
C GLN C 123 -15.61 -33.53 18.55
N ARG C 124 -16.67 -34.06 17.94
CA ARG C 124 -17.96 -33.38 17.99
C ARG C 124 -18.51 -33.36 19.41
N LYS C 125 -18.31 -34.43 20.20
CA LYS C 125 -18.80 -34.44 21.58
C LYS C 125 -18.06 -33.39 22.42
N PHE C 126 -16.73 -33.29 22.24
CA PHE C 126 -15.98 -32.28 22.97
C PHE C 126 -16.45 -30.87 22.62
N HIS C 127 -16.75 -30.61 21.34
CA HIS C 127 -17.19 -29.28 20.94
C HIS C 127 -18.47 -28.91 21.68
N SER C 128 -19.38 -29.88 21.85
CA SER C 128 -20.62 -29.63 22.59
C SER C 128 -20.31 -29.32 24.05
N GLN C 129 -19.39 -30.06 24.67
CA GLN C 129 -18.96 -29.73 26.02
C GLN C 129 -18.33 -28.33 26.08
N TRP C 130 -17.50 -27.99 25.10
CA TRP C 130 -16.92 -26.64 25.08
C TRP C 130 -17.99 -25.56 25.02
N PHE C 131 -18.91 -25.65 24.04
CA PHE C 131 -19.99 -24.66 23.93
C PHE C 131 -20.73 -24.51 25.26
N GLU C 132 -21.00 -25.64 25.94
CA GLU C 132 -21.72 -25.60 27.21
C GLU C 132 -20.88 -25.00 28.31
N SER C 133 -19.55 -25.15 28.24
CA SER C 133 -18.66 -24.58 29.24
C SER C 133 -18.63 -23.05 29.21
N LEU C 134 -19.18 -22.40 28.19
CA LEU C 134 -19.19 -20.94 28.14
C LEU C 134 -20.27 -20.32 29.02
N VAL C 135 -21.21 -21.12 29.49
CA VAL C 135 -22.28 -20.67 30.38
C VAL C 135 -21.83 -20.84 31.81
N ASP C 136 -21.99 -19.79 32.61
CA ASP C 136 -21.68 -19.85 34.04
C ASP C 136 -22.99 -20.00 34.84
N ILE D 8 6.62 1.58 21.35
CA ILE D 8 7.14 0.37 22.03
C ILE D 8 6.11 -0.75 22.26
N SER D 9 6.45 -1.98 21.88
CA SER D 9 5.57 -3.14 22.13
C SER D 9 5.99 -3.83 23.41
N ASP D 10 5.02 -4.04 24.33
CA ASP D 10 5.32 -4.54 25.68
C ASP D 10 6.06 -5.88 25.68
N ARG D 11 5.61 -6.84 24.86
CA ARG D 11 6.13 -8.20 24.92
C ARG D 11 7.29 -8.46 23.96
N ILE D 12 7.74 -7.48 23.22
CA ILE D 12 8.86 -7.70 22.32
C ILE D 12 10.15 -7.58 23.12
N ILE D 13 11.10 -8.47 22.86
CA ILE D 13 12.41 -8.35 23.48
C ILE D 13 13.38 -7.83 22.44
N HIS D 14 14.45 -7.21 22.91
CA HIS D 14 15.44 -6.52 22.09
C HIS D 14 16.77 -7.23 22.26
N LEU D 15 17.31 -7.72 21.14
CA LEU D 15 18.49 -8.56 21.14
C LEU D 15 19.76 -7.74 20.94
N ALA D 16 20.88 -8.28 21.44
CA ALA D 16 22.20 -7.71 21.23
C ALA D 16 23.10 -8.79 20.67
N ASP D 17 24.29 -8.39 20.18
CA ASP D 17 25.26 -9.38 19.69
C ASP D 17 25.58 -10.46 20.73
N ALA D 18 25.58 -10.12 22.03
CA ALA D 18 25.86 -11.18 23.02
C ALA D 18 24.84 -12.31 23.00
N ASP D 19 23.63 -12.07 22.51
CA ASP D 19 22.63 -13.14 22.47
C ASP D 19 22.86 -14.13 21.33
N PHE D 20 23.97 -14.00 20.60
CA PHE D 20 24.27 -14.94 19.51
C PHE D 20 25.65 -15.53 19.73
N ASP D 21 25.78 -16.79 19.33
CA ASP D 21 27.09 -17.46 19.23
C ASP D 21 27.24 -17.61 17.70
N ALA D 22 27.80 -16.61 17.04
CA ALA D 22 27.90 -16.58 15.57
C ALA D 22 26.51 -16.50 14.98
N LYS D 23 26.05 -17.50 14.24
CA LYS D 23 24.74 -17.52 13.64
C LYS D 23 23.71 -18.22 14.52
N LYS D 24 24.12 -18.73 15.67
CA LYS D 24 23.21 -19.41 16.58
C LYS D 24 22.65 -18.44 17.61
N LEU D 25 21.34 -18.56 17.87
CA LEU D 25 20.69 -17.67 18.84
C LEU D 25 20.62 -18.30 20.23
N ASN D 26 21.06 -17.53 21.23
CA ASN D 26 21.07 -17.99 22.62
C ASN D 26 19.74 -17.74 23.34
N VAL D 27 18.64 -17.81 22.61
CA VAL D 27 17.29 -17.74 23.20
C VAL D 27 16.56 -19.01 22.80
N LYS D 28 15.90 -19.65 23.76
CA LYS D 28 15.32 -20.96 23.52
C LYS D 28 13.92 -20.84 22.87
N GLY D 29 13.49 -21.96 22.27
CA GLY D 29 12.14 -22.07 21.74
C GLY D 29 12.04 -21.48 20.34
N ALA D 30 10.85 -21.05 20.00
CA ALA D 30 10.62 -20.39 18.70
C ALA D 30 10.75 -18.89 18.84
N VAL D 31 11.59 -18.28 18.01
CA VAL D 31 11.82 -16.84 18.10
C VAL D 31 11.71 -16.23 16.71
N LEU D 32 10.89 -15.20 16.58
CA LEU D 32 10.81 -14.40 15.36
C LEU D 32 11.62 -13.13 15.56
N ILE D 33 12.68 -12.97 14.77
CA ILE D 33 13.51 -11.78 14.84
C ILE D 33 13.21 -10.87 13.67
N GLU D 34 13.01 -9.59 13.97
CA GLU D 34 12.99 -8.53 12.96
C GLU D 34 14.31 -7.77 13.03
N PHE D 35 15.10 -7.84 11.97
CA PHE D 35 16.20 -6.92 11.79
C PHE D 35 15.63 -5.60 11.28
N TRP D 36 15.94 -4.49 11.98
CA TRP D 36 15.23 -3.24 11.73
C TRP D 36 16.09 -2.02 12.02
N ALA D 37 15.56 -0.84 11.63
CA ALA D 37 16.18 0.45 11.95
C ALA D 37 15.08 1.48 12.23
N GLU D 38 15.38 2.40 13.14
CA GLU D 38 14.40 3.38 13.58
C GLU D 38 13.95 4.32 12.46
N TRP D 39 14.82 4.56 11.47
CA TRP D 39 14.62 5.52 10.39
C TRP D 39 13.96 4.91 9.16
N CYS D 40 13.65 3.63 9.18
CA CYS D 40 13.21 2.91 7.99
C CYS D 40 11.68 2.87 7.92
N GLY D 41 11.14 3.37 6.80
CA GLY D 41 9.72 3.43 6.54
C GLY D 41 9.06 2.05 6.50
N PRO D 42 9.64 1.09 5.75
CA PRO D 42 9.06 -0.26 5.79
C PRO D 42 9.05 -0.90 7.16
N CYS D 43 10.07 -0.67 7.99
CA CYS D 43 10.03 -1.23 9.34
C CYS D 43 8.86 -0.69 10.13
N LYS D 44 8.59 0.61 10.04
CA LYS D 44 7.45 1.19 10.74
C LYS D 44 6.13 0.60 10.26
N MET D 45 6.02 0.27 8.96
CA MET D 45 4.78 -0.25 8.43
C MET D 45 4.38 -1.54 9.16
N ILE D 46 5.34 -2.38 9.52
CA ILE D 46 4.99 -3.64 10.13
C ILE D 46 5.07 -3.60 11.65
N ALA D 47 5.52 -2.51 12.25
CA ALA D 47 5.57 -2.48 13.71
C ALA D 47 4.21 -2.79 14.35
N PRO D 48 3.09 -2.28 13.86
CA PRO D 48 1.80 -2.66 14.52
C PRO D 48 1.45 -4.13 14.35
N ILE D 49 1.85 -4.75 13.24
CA ILE D 49 1.60 -6.18 13.04
C ILE D 49 2.46 -7.01 13.97
N LEU D 50 3.72 -6.60 14.17
CA LEU D 50 4.55 -7.32 15.12
C LEU D 50 4.04 -7.17 16.55
N ASP D 51 3.44 -6.03 16.87
CA ASP D 51 2.86 -5.84 18.20
C ASP D 51 1.71 -6.83 18.43
N GLU D 52 0.81 -6.95 17.43
CA GLU D 52 -0.30 -7.88 17.56
C GLU D 52 0.19 -9.33 17.64
N VAL D 53 1.14 -9.71 16.79
CA VAL D 53 1.67 -11.08 16.83
C VAL D 53 2.26 -11.40 18.18
N SER D 54 3.04 -10.47 18.72
CA SER D 54 3.68 -10.72 20.02
C SER D 54 2.64 -11.00 21.10
N GLU D 55 1.47 -10.37 21.00
CA GLU D 55 0.39 -10.61 21.96
C GLU D 55 -0.32 -11.93 21.67
N GLU D 56 -0.58 -12.19 20.38
CA GLU D 56 -1.45 -13.31 20.02
C GLU D 56 -0.73 -14.64 20.09
N TYR D 57 0.57 -14.65 19.89
CA TYR D 57 1.39 -15.86 19.93
C TYR D 57 2.11 -16.02 21.26
N ALA D 58 1.77 -15.22 22.26
CA ALA D 58 2.46 -15.30 23.55
C ALA D 58 2.38 -16.73 24.10
N GLY D 59 3.48 -17.24 24.62
CA GLY D 59 3.51 -18.60 25.09
C GLY D 59 3.88 -19.65 24.05
N LYS D 60 3.81 -19.32 22.76
CA LYS D 60 4.36 -20.22 21.74
C LYS D 60 5.43 -19.57 20.87
N LEU D 61 5.53 -18.24 20.84
CA LEU D 61 6.52 -17.59 20.00
C LEU D 61 6.99 -16.36 20.75
N THR D 62 8.32 -16.20 20.84
CA THR D 62 8.91 -14.94 21.26
C THR D 62 9.17 -14.07 20.04
N VAL D 63 8.74 -12.81 20.10
CA VAL D 63 9.02 -11.84 19.05
C VAL D 63 10.17 -10.96 19.52
N ALA D 64 11.20 -10.85 18.68
CA ALA D 64 12.43 -10.15 19.07
C ALA D 64 12.83 -9.19 17.95
N LYS D 65 13.55 -8.14 18.33
CA LYS D 65 14.02 -7.11 17.40
C LYS D 65 15.53 -6.96 17.52
N LEU D 66 16.21 -6.80 16.39
CA LEU D 66 17.65 -6.57 16.36
C LEU D 66 17.90 -5.29 15.56
N ASN D 67 18.26 -4.22 16.27
CA ASN D 67 18.50 -2.92 15.66
C ASN D 67 19.85 -2.95 14.95
N VAL D 68 19.82 -2.84 13.61
CA VAL D 68 21.06 -2.93 12.85
C VAL D 68 21.97 -1.73 13.03
N ASP D 69 21.48 -0.65 13.63
CA ASP D 69 22.34 0.48 13.95
C ASP D 69 23.06 0.30 15.30
N ASP D 70 22.66 -0.65 16.09
CA ASP D 70 23.21 -0.87 17.42
C ASP D 70 24.15 -2.07 17.50
N HIS D 71 24.04 -3.01 16.56
CA HIS D 71 24.76 -4.28 16.64
C HIS D 71 25.32 -4.65 15.28
N GLU D 72 26.63 -4.74 15.21
CA GLU D 72 27.29 -4.97 13.93
C GLU D 72 27.55 -6.45 13.65
N GLN D 73 27.87 -7.25 14.67
CA GLN D 73 28.30 -8.62 14.41
C GLN D 73 27.20 -9.44 13.74
N THR D 74 25.97 -9.41 14.28
CA THR D 74 24.92 -10.36 13.90
C THR D 74 24.36 -10.13 12.50
N PRO D 75 24.10 -8.88 12.09
CA PRO D 75 23.64 -8.70 10.70
C PRO D 75 24.65 -9.21 9.68
N LYS D 76 25.94 -8.99 9.89
CA LYS D 76 26.88 -9.55 8.93
C LYS D 76 26.99 -11.06 9.08
N ALA D 77 26.86 -11.60 10.32
CA ALA D 77 26.84 -13.06 10.48
C ALA D 77 25.74 -13.69 9.65
N HIS D 78 24.59 -13.01 9.53
CA HIS D 78 23.46 -13.53 8.77
C HIS D 78 23.27 -12.89 7.40
N GLY D 79 24.24 -12.12 6.92
CA GLY D 79 24.17 -11.56 5.57
C GLY D 79 22.99 -10.66 5.32
N ILE D 80 22.60 -9.87 6.31
CA ILE D 80 21.45 -8.99 6.17
C ILE D 80 21.76 -7.91 5.13
N ARG D 81 20.92 -7.80 4.12
CA ARG D 81 21.17 -6.81 3.07
C ARG D 81 20.09 -5.75 2.98
N GLY D 82 18.90 -6.03 3.45
CA GLY D 82 17.78 -5.10 3.37
C GLY D 82 16.94 -5.29 4.61
N ILE D 83 16.09 -4.31 4.90
CA ILE D 83 15.27 -4.32 6.11
C ILE D 83 13.87 -3.82 5.79
N PRO D 84 12.87 -4.25 6.57
CA PRO D 84 12.95 -5.27 7.66
C PRO D 84 13.27 -6.64 7.11
N THR D 85 14.12 -7.41 7.78
CA THR D 85 14.25 -8.83 7.47
C THR D 85 13.68 -9.60 8.64
N LEU D 86 12.74 -10.49 8.36
CA LEU D 86 12.15 -11.35 9.38
C LEU D 86 12.79 -12.73 9.29
N MET D 87 13.25 -13.24 10.43
CA MET D 87 14.00 -14.50 10.45
C MET D 87 13.50 -15.34 11.61
N LEU D 88 13.02 -16.54 11.30
CA LEU D 88 12.43 -17.43 12.29
C LEU D 88 13.47 -18.44 12.75
N PHE D 89 13.60 -18.57 14.07
CA PHE D 89 14.56 -19.46 14.70
C PHE D 89 13.81 -20.49 15.51
N LYS D 90 14.37 -21.70 15.56
CA LYS D 90 13.87 -22.81 16.37
C LYS D 90 15.07 -23.50 17.01
N ASP D 91 15.08 -23.58 18.34
CA ASP D 91 16.18 -24.20 19.08
C ASP D 91 17.52 -23.62 18.67
N GLY D 92 17.55 -22.30 18.50
CA GLY D 92 18.78 -21.63 18.20
C GLY D 92 19.11 -21.54 16.73
N GLU D 93 18.40 -22.26 15.86
CA GLU D 93 18.79 -22.38 14.46
C GLU D 93 17.80 -21.67 13.54
N LYS D 94 18.33 -20.97 12.54
CA LYS D 94 17.50 -20.31 11.55
C LYS D 94 16.75 -21.34 10.73
N VAL D 95 15.43 -21.12 10.62
CA VAL D 95 14.54 -22.02 9.90
C VAL D 95 13.92 -21.38 8.65
N ALA D 96 13.74 -20.06 8.64
CA ALA D 96 13.05 -19.42 7.52
C ALA D 96 13.30 -17.93 7.60
N THR D 97 13.18 -17.26 6.44
CA THR D 97 13.44 -15.84 6.30
C THR D 97 12.44 -15.21 5.35
N GLN D 98 12.04 -13.97 5.63
CA GLN D 98 11.21 -13.19 4.70
C GLN D 98 11.72 -11.75 4.74
N VAL D 99 11.90 -11.14 3.56
CA VAL D 99 12.41 -9.77 3.46
C VAL D 99 11.26 -8.87 3.01
N GLY D 100 11.06 -7.78 3.74
CA GLY D 100 10.13 -6.76 3.34
C GLY D 100 8.86 -6.77 4.18
N ALA D 101 8.17 -5.64 4.15
CA ALA D 101 6.92 -5.51 4.88
C ALA D 101 5.89 -6.47 4.27
N LEU D 102 4.96 -6.88 5.10
CA LEU D 102 3.96 -7.86 4.69
C LEU D 102 2.73 -7.68 5.56
N SER D 103 1.63 -8.25 5.09
CA SER D 103 0.38 -8.24 5.84
C SER D 103 0.40 -9.23 7.00
N LYS D 104 -0.51 -9.02 7.94
CA LYS D 104 -0.71 -9.97 9.01
C LYS D 104 -1.07 -11.35 8.47
N THR D 105 -1.90 -11.41 7.42
CA THR D 105 -2.28 -12.70 6.84
C THR D 105 -1.06 -13.46 6.37
N GLN D 106 -0.22 -12.80 5.58
CA GLN D 106 0.99 -13.45 5.08
C GLN D 106 1.92 -13.83 6.24
N LEU D 107 2.02 -12.98 7.26
CA LEU D 107 2.94 -13.29 8.33
C LEU D 107 2.47 -14.50 9.15
N LYS D 108 1.17 -14.60 9.41
CA LYS D 108 0.65 -15.73 10.18
C LYS D 108 0.79 -17.03 9.40
N ALA D 109 0.54 -16.99 8.09
CA ALA D 109 0.74 -18.16 7.26
C ALA D 109 2.20 -18.58 7.31
N PHE D 110 3.14 -17.61 7.25
CA PHE D 110 4.58 -17.89 7.31
C PHE D 110 4.96 -18.57 8.62
N LEU D 111 4.48 -18.03 9.73
CA LEU D 111 4.82 -18.58 11.04
C LEU D 111 4.24 -19.98 11.21
N ASP D 112 2.93 -20.14 10.94
CA ASP D 112 2.27 -21.41 11.20
C ASP D 112 2.73 -22.52 10.27
N SER D 113 3.28 -22.19 9.11
CA SER D 113 3.81 -23.26 8.26
C SER D 113 5.11 -23.85 8.84
N HIS D 114 5.83 -23.09 9.68
CA HIS D 114 7.09 -23.53 10.27
C HIS D 114 7.00 -23.84 11.74
N ILE D 115 5.98 -23.35 12.44
CA ILE D 115 5.71 -23.72 13.83
C ILE D 115 4.48 -24.64 13.99
N ASP E 10 26.05 16.97 17.19
CA ASP E 10 24.76 16.26 17.20
C ASP E 10 24.28 15.81 15.83
N TYR E 11 23.85 14.55 15.71
CA TYR E 11 23.43 14.01 14.43
C TYR E 11 21.92 13.98 14.26
N ILE E 12 21.49 14.06 12.98
CA ILE E 12 20.08 13.98 12.60
C ILE E 12 19.91 13.18 11.32
N ILE E 13 18.69 12.66 11.13
CA ILE E 13 18.33 11.91 9.93
C ILE E 13 17.79 12.92 8.92
N THR E 14 18.29 12.85 7.68
CA THR E 14 17.67 13.55 6.56
C THR E 14 17.52 12.59 5.36
N TYR E 15 16.84 13.11 4.33
CA TYR E 15 16.41 12.34 3.19
C TYR E 15 16.72 13.08 1.90
N ARG E 16 16.89 12.32 0.83
CA ARG E 16 17.12 12.92 -0.46
C ARG E 16 16.56 12.07 -1.59
N GLY E 17 15.88 12.74 -2.52
CA GLY E 17 15.42 12.08 -3.75
C GLY E 17 16.52 12.25 -4.79
N ASP E 18 16.69 11.23 -5.62
CA ASP E 18 17.75 11.25 -6.65
C ASP E 18 17.38 10.22 -7.72
N THR E 19 17.75 10.49 -8.95
CA THR E 19 17.58 9.50 -10.00
C THR E 19 18.77 8.53 -10.07
N ARG E 20 19.89 8.89 -9.44
CA ARG E 20 21.07 8.03 -9.51
C ARG E 20 20.89 6.78 -8.66
N SER E 21 21.36 5.67 -9.20
CA SER E 21 21.19 4.37 -8.56
C SER E 21 22.09 4.22 -7.34
N PHE E 22 21.66 3.35 -6.42
CA PHE E 22 22.38 3.17 -5.17
C PHE E 22 23.77 2.54 -5.37
N THR E 23 23.97 1.81 -6.46
CA THR E 23 25.30 1.23 -6.67
C THR E 23 26.36 2.34 -6.84
N GLU E 24 25.98 3.48 -7.41
CA GLU E 24 26.93 4.61 -7.51
C GLU E 24 26.97 5.45 -6.24
N ILE E 25 25.79 5.79 -5.71
CA ILE E 25 25.70 6.66 -4.53
C ILE E 25 26.32 6.00 -3.29
N PHE E 26 26.09 4.69 -3.13
CA PHE E 26 26.67 4.00 -1.97
C PHE E 26 28.20 4.02 -2.02
N ASP E 27 28.77 4.12 -3.21
CA ASP E 27 30.22 4.13 -3.40
C ASP E 27 30.85 5.51 -3.25
N LYS E 28 30.19 6.57 -3.74
CA LYS E 28 30.81 7.89 -3.89
C LYS E 28 30.14 8.99 -3.09
N GLY E 29 29.04 8.73 -2.41
CA GLY E 29 28.36 9.80 -1.70
C GLY E 29 27.70 10.77 -2.64
N PHE E 30 27.32 11.93 -2.07
CA PHE E 30 26.72 13.03 -2.81
C PHE E 30 27.73 14.15 -2.81
N GLU E 31 28.24 14.51 -3.96
CA GLU E 31 29.20 15.61 -4.06
C GLU E 31 28.47 16.89 -4.47
N THR E 32 29.05 18.03 -4.10
CA THR E 32 28.53 19.33 -4.51
C THR E 32 29.02 19.66 -5.91
N LEU E 33 28.47 20.75 -6.48
CA LEU E 33 28.86 21.17 -7.82
C LEU E 33 29.65 22.48 -7.87
N GLY E 34 29.83 23.17 -6.76
CA GLY E 34 30.50 24.44 -6.83
C GLY E 34 31.28 24.78 -5.59
N PRO E 35 31.99 25.88 -5.64
CA PRO E 35 32.83 26.28 -4.46
C PRO E 35 32.20 27.33 -3.57
N SER E 36 31.04 27.88 -3.88
CA SER E 36 30.49 28.98 -3.11
C SER E 36 29.91 28.49 -1.78
N LYS E 37 30.39 29.05 -0.65
CA LYS E 37 29.88 28.65 0.66
C LYS E 37 28.82 29.62 1.21
N ASP E 38 28.26 30.48 0.37
CA ASP E 38 27.33 31.55 0.77
C ASP E 38 25.92 30.98 0.75
N LEU E 39 25.33 30.79 1.94
CA LEU E 39 24.04 30.13 2.01
C LEU E 39 22.92 30.98 1.41
N TYR E 40 22.99 32.31 1.59
CA TYR E 40 22.03 33.23 0.96
C TYR E 40 22.05 33.09 -0.56
N LYS E 41 23.24 33.04 -1.15
CA LYS E 41 23.32 32.87 -2.59
C LYS E 41 22.84 31.49 -2.99
N HIS E 42 23.11 30.47 -2.16
CA HIS E 42 22.60 29.13 -2.42
C HIS E 42 21.08 29.14 -2.50
N ALA E 43 20.43 29.85 -1.58
CA ALA E 43 18.96 29.94 -1.58
C ALA E 43 18.43 30.67 -2.81
N LEU E 44 19.08 31.79 -3.21
CA LEU E 44 18.62 32.55 -4.39
C LEU E 44 18.75 31.70 -5.66
N ASP E 45 19.95 31.12 -5.91
CA ASP E 45 20.21 30.39 -7.16
C ASP E 45 21.48 29.56 -6.93
N ASN E 46 21.30 28.26 -6.71
CA ASN E 46 22.47 27.43 -6.37
C ASN E 46 23.26 27.04 -7.61
N ARG E 47 22.88 27.58 -8.78
CA ARG E 47 23.66 27.40 -10.00
C ARG E 47 24.44 28.66 -10.37
N ALA E 48 24.21 29.78 -9.69
CA ALA E 48 24.84 31.06 -10.06
C ALA E 48 25.03 31.88 -8.80
N PRO E 49 26.18 31.74 -8.12
CA PRO E 49 27.33 30.86 -8.45
C PRO E 49 27.05 29.42 -8.00
N PRO E 50 27.62 28.43 -8.69
CA PRO E 50 27.46 27.04 -8.22
C PRO E 50 27.88 26.91 -6.75
N SER E 51 27.00 26.36 -5.94
CA SER E 51 27.15 26.36 -4.48
C SER E 51 27.81 25.07 -3.97
N ASP E 52 28.46 25.21 -2.81
CA ASP E 52 29.11 24.07 -2.15
C ASP E 52 28.17 23.38 -1.14
N PHE E 53 26.94 23.11 -1.49
CA PHE E 53 26.03 22.41 -0.59
C PHE E 53 25.27 21.35 -1.36
N VAL E 54 24.99 20.22 -0.70
CA VAL E 54 24.02 19.23 -1.17
C VAL E 54 22.71 19.44 -0.41
N SER E 55 21.59 19.52 -1.14
CA SER E 55 20.29 19.74 -0.50
C SER E 55 19.71 18.43 0.05
N THR E 56 19.22 18.46 1.28
CA THR E 56 18.46 17.34 1.87
C THR E 56 17.30 17.94 2.65
N THR E 57 16.39 17.07 3.10
CA THR E 57 15.16 17.48 3.79
C THR E 57 14.94 16.62 5.01
N ILE E 58 14.29 17.18 6.03
CA ILE E 58 13.87 16.35 7.14
C ILE E 58 12.52 15.70 6.90
N ASP E 59 11.88 15.93 5.78
CA ASP E 59 10.52 15.48 5.54
C ASP E 59 10.56 14.48 4.38
N PRO E 60 10.57 13.16 4.65
CA PRO E 60 10.69 12.22 3.52
C PRO E 60 9.65 12.41 2.42
N THR E 61 8.44 12.87 2.77
CA THR E 61 7.42 12.99 1.74
C THR E 61 7.80 14.03 0.69
N LYS E 62 8.66 15.01 1.04
CA LYS E 62 9.02 16.05 0.11
C LYS E 62 10.02 15.56 -0.93
N THR E 63 10.55 14.34 -0.81
CA THR E 63 11.49 13.87 -1.81
C THR E 63 10.83 13.24 -3.02
N ILE E 64 9.56 12.83 -2.91
CA ILE E 64 8.98 11.96 -3.93
C ILE E 64 8.68 12.73 -5.23
N SER E 65 8.19 13.99 -5.16
CA SER E 65 7.94 14.68 -6.43
C SER E 65 9.24 14.87 -7.19
N PHE E 66 10.35 15.10 -6.48
CA PHE E 66 11.62 15.30 -7.15
C PHE E 66 12.18 13.99 -7.69
N ALA E 67 12.17 12.96 -6.87
CA ALA E 67 12.73 11.67 -7.26
C ALA E 67 12.02 11.07 -8.47
N THR E 68 10.70 11.28 -8.56
CA THR E 68 9.94 10.81 -9.73
C THR E 68 9.81 11.85 -10.85
N LYS E 69 10.45 13.02 -10.75
CA LYS E 69 10.35 14.06 -11.78
C LYS E 69 8.87 14.38 -12.09
N TYR E 70 8.11 14.61 -11.01
CA TYR E 70 6.69 14.94 -11.07
C TYR E 70 5.85 13.78 -11.58
N GLY E 71 6.11 12.58 -11.08
CA GLY E 71 5.30 11.45 -11.45
C GLY E 71 5.57 10.90 -12.83
N GLN E 72 6.76 11.16 -13.39
CA GLN E 72 7.07 10.75 -14.76
C GLN E 72 8.08 9.61 -14.86
N LYS E 73 8.92 9.42 -13.86
CA LYS E 73 10.08 8.52 -13.98
C LYS E 73 10.27 7.88 -12.61
N SER E 74 10.96 6.75 -12.57
CA SER E 74 11.31 6.13 -11.31
C SER E 74 12.57 6.77 -10.73
N GLY E 75 12.74 6.61 -9.44
CA GLY E 75 13.90 7.16 -8.76
C GLY E 75 14.19 6.42 -7.46
N TYR E 76 14.97 7.06 -6.57
CA TYR E 76 15.28 6.52 -5.26
C TYR E 76 15.15 7.58 -4.18
N MET E 77 14.76 7.16 -2.97
CA MET E 77 14.88 7.99 -1.78
C MET E 77 16.01 7.44 -0.92
N TYR E 78 16.96 8.30 -0.59
CA TYR E 78 18.11 7.98 0.23
C TYR E 78 17.92 8.54 1.62
N THR E 79 18.36 7.79 2.63
CA THR E 79 18.34 8.23 4.02
C THR E 79 19.78 8.32 4.51
N MET E 80 20.10 9.38 5.26
CA MET E 80 21.44 9.61 5.77
C MET E 80 21.41 10.11 7.21
N LYS E 81 22.57 10.08 7.86
CA LYS E 81 22.72 10.53 9.24
C LYS E 81 23.98 11.38 9.28
N THR E 82 23.85 12.65 9.63
CA THR E 82 24.94 13.61 9.54
C THR E 82 24.90 14.56 10.72
N ASN E 83 26.01 15.27 10.91
CA ASN E 83 26.09 16.26 11.98
C ASN E 83 26.66 17.57 11.48
N HIS E 84 26.78 17.74 10.17
CA HIS E 84 27.40 18.95 9.63
C HIS E 84 26.42 19.76 8.80
N GLY E 85 25.12 19.41 8.82
CA GLY E 85 24.15 20.11 8.01
C GLY E 85 23.79 21.48 8.57
N ILE E 86 23.37 22.38 7.68
CA ILE E 86 22.91 23.71 8.06
C ILE E 86 21.40 23.80 7.80
N ASP E 87 20.64 24.09 8.85
CA ASP E 87 19.19 24.22 8.74
C ASP E 87 18.86 25.51 8.01
N VAL E 88 18.31 25.42 6.79
CA VAL E 88 18.17 26.62 5.98
C VAL E 88 17.17 27.61 6.60
N ASN E 89 15.99 27.11 7.04
CA ASN E 89 15.00 28.04 7.60
C ASN E 89 15.56 28.68 8.88
N LYS E 90 16.33 27.92 9.64
CA LYS E 90 16.98 28.46 10.85
C LYS E 90 17.92 29.60 10.50
N ALA E 91 18.64 29.48 9.38
CA ALA E 91 19.59 30.50 8.98
C ALA E 91 18.92 31.70 8.34
N LEU E 92 17.87 31.51 7.54
CA LEU E 92 17.30 32.59 6.75
C LEU E 92 15.99 33.14 7.32
N GLY E 93 15.26 32.37 8.12
CA GLY E 93 14.07 32.92 8.73
C GLY E 93 12.94 33.14 7.76
N ALA E 94 12.16 34.19 8.03
CA ALA E 94 10.97 34.47 7.26
C ALA E 94 11.25 34.64 5.77
N ARG E 95 12.46 35.01 5.40
CA ARG E 95 12.77 35.18 4.00
C ARG E 95 13.25 33.89 3.32
N SER E 96 13.24 32.75 4.02
CA SER E 96 13.62 31.48 3.39
C SER E 96 12.69 31.23 2.21
N PRO E 97 13.19 31.08 0.98
CA PRO E 97 12.29 31.19 -0.18
C PRO E 97 11.35 30.01 -0.35
N PHE E 98 11.71 28.82 0.12
CA PHE E 98 10.91 27.60 -0.07
C PHE E 98 10.87 26.88 1.28
N ALA E 99 10.37 27.58 2.31
CA ALA E 99 10.46 27.07 3.69
C ALA E 99 9.84 25.69 3.85
N ALA E 100 8.75 25.42 3.13
CA ALA E 100 8.04 24.15 3.31
C ALA E 100 8.86 22.94 2.93
N GLU E 101 9.97 23.15 2.20
CA GLU E 101 10.86 22.03 1.87
C GLU E 101 11.63 21.46 3.06
N ALA E 102 11.69 22.17 4.17
CA ALA E 102 12.43 21.78 5.36
C ALA E 102 13.86 21.29 5.04
N GLU E 103 14.62 22.17 4.38
CA GLU E 103 15.92 21.84 3.80
C GLU E 103 17.04 21.88 4.83
N ILE E 104 17.88 20.83 4.82
CA ILE E 104 19.14 20.83 5.56
C ILE E 104 20.23 20.85 4.50
N ALA E 105 20.95 21.95 4.38
CA ALA E 105 21.96 22.12 3.35
C ALA E 105 23.28 21.54 3.86
N MET E 106 23.87 20.60 3.09
CA MET E 106 25.07 19.90 3.58
C MET E 106 26.34 20.54 2.98
N PRO E 107 27.09 21.34 3.74
CA PRO E 107 28.29 21.98 3.16
C PRO E 107 29.33 20.94 2.76
N GLY E 108 29.84 21.06 1.53
CA GLY E 108 30.85 20.11 1.05
C GLY E 108 30.34 18.74 0.68
N GLY E 109 29.06 18.49 0.84
CA GLY E 109 28.48 17.22 0.41
C GLY E 109 28.28 16.26 1.55
N VAL E 110 28.05 15.00 1.17
CA VAL E 110 27.74 13.93 2.13
C VAL E 110 28.63 12.73 1.83
N ARG E 111 29.38 12.27 2.82
CA ARG E 111 30.24 11.13 2.56
C ARG E 111 29.41 9.85 2.42
N ALA E 112 29.98 8.90 1.66
CA ALA E 112 29.29 7.67 1.36
C ALA E 112 28.89 6.93 2.62
N GLU E 113 29.75 6.92 3.65
CA GLU E 113 29.49 6.12 4.84
C GLU E 113 28.43 6.75 5.74
N ASP E 114 28.02 7.99 5.49
CA ASP E 114 26.91 8.62 6.17
C ASP E 114 25.56 8.35 5.50
N ILE E 115 25.56 7.71 4.34
CA ILE E 115 24.31 7.31 3.69
C ILE E 115 23.95 5.92 4.20
N LEU E 116 22.76 5.78 4.76
CA LEU E 116 22.35 4.54 5.42
C LEU E 116 21.70 3.53 4.49
N GLY E 117 20.86 4.01 3.59
CA GLY E 117 20.00 3.13 2.84
C GLY E 117 19.30 3.84 1.70
N ALA E 118 18.67 3.00 0.86
CA ALA E 118 17.97 3.47 -0.33
C ALA E 118 16.68 2.70 -0.49
N ARG E 119 15.65 3.38 -1.02
CA ARG E 119 14.34 2.79 -1.27
C ARG E 119 13.83 3.33 -2.60
N ALA E 120 13.61 2.44 -3.57
CA ALA E 120 13.17 2.85 -4.90
C ALA E 120 11.69 3.26 -4.89
N VAL E 121 11.35 4.16 -5.82
CA VAL E 121 9.99 4.67 -6.01
C VAL E 121 9.73 4.70 -7.50
N ASN E 122 8.58 4.17 -7.95
CA ASN E 122 8.31 4.24 -9.38
C ASN E 122 7.57 5.53 -9.74
N ALA E 123 7.21 5.66 -11.00
CA ALA E 123 6.62 6.92 -11.45
C ALA E 123 5.29 7.20 -10.75
N ASP E 124 4.56 6.17 -10.31
CA ASP E 124 3.27 6.39 -9.67
C ASP E 124 3.42 6.62 -8.17
N GLY E 125 4.63 6.75 -7.69
CA GLY E 125 4.85 6.98 -6.28
C GLY E 125 4.85 5.73 -5.42
N GLU E 126 4.72 4.55 -6.01
CA GLU E 126 4.77 3.30 -5.24
C GLU E 126 6.23 2.96 -4.95
N MET E 127 6.51 2.61 -3.70
CA MET E 127 7.87 2.32 -3.21
C MET E 127 8.08 0.85 -2.87
N TRP E 128 9.35 0.41 -2.93
CA TRP E 128 9.69 -0.90 -2.40
C TRP E 128 9.16 -1.04 -0.98
N ASP E 129 8.81 -2.25 -0.58
CA ASP E 129 8.43 -2.52 0.81
C ASP E 129 9.65 -2.90 1.68
N TYR E 130 10.83 -2.52 1.25
CA TYR E 130 12.04 -2.71 2.04
C TYR E 130 13.00 -1.59 1.71
N THR E 131 14.01 -1.47 2.55
CA THR E 131 15.12 -0.56 2.32
C THR E 131 16.41 -1.34 2.13
N ILE E 132 17.17 -1.01 1.09
CA ILE E 132 18.45 -1.70 0.91
C ILE E 132 19.54 -0.95 1.69
N LEU E 133 20.34 -1.70 2.45
CA LEU E 133 21.33 -1.08 3.34
C LEU E 133 22.61 -0.77 2.57
N ASN E 134 23.25 0.34 2.92
CA ASN E 134 24.55 0.68 2.38
C ASN E 134 25.68 -0.18 2.94
N PRO E 135 26.32 -1.03 2.14
CA PRO E 135 27.38 -1.87 2.71
C PRO E 135 28.60 -1.09 3.15
N LYS E 136 28.86 0.08 2.56
CA LYS E 136 29.96 0.91 3.05
C LYS E 136 29.72 1.38 4.47
N ARG E 137 28.46 1.40 4.91
CA ARG E 137 28.20 1.71 6.31
C ARG E 137 28.03 0.47 7.18
N TYR E 138 27.31 -0.56 6.73
CA TYR E 138 26.98 -1.69 7.60
C TYR E 138 28.06 -2.76 7.58
N GLY E 139 28.97 -2.71 6.62
CA GLY E 139 30.12 -3.60 6.57
C GLY E 139 31.41 -3.09 7.14
N LYS E 140 31.48 -1.83 7.60
CA LYS E 140 32.64 -1.31 8.35
C LYS E 140 33.97 -1.57 7.65
N ASP F 3 18.66 5.44 -20.40
CA ASP F 3 18.70 6.74 -19.73
C ASP F 3 18.48 7.86 -20.73
N VAL F 4 17.61 7.60 -21.69
CA VAL F 4 17.17 8.56 -22.69
C VAL F 4 15.66 8.70 -22.49
N ASP F 5 15.20 9.93 -22.24
CA ASP F 5 13.78 10.22 -22.10
C ASP F 5 13.38 11.14 -23.25
N LYS F 6 12.21 10.94 -23.80
CA LYS F 6 11.76 11.75 -24.93
C LYS F 6 10.40 12.36 -24.61
N ARG F 7 10.18 13.55 -25.13
CA ARG F 7 8.94 14.24 -24.82
C ARG F 7 8.65 15.24 -25.92
N LYS F 8 7.41 15.29 -26.36
CA LYS F 8 7.01 16.30 -27.36
C LYS F 8 6.44 17.53 -26.67
N ILE F 9 6.74 18.71 -27.22
CA ILE F 9 6.28 19.99 -26.70
C ILE F 9 5.72 20.79 -27.88
N LYS F 10 5.10 21.93 -27.57
CA LYS F 10 4.66 22.90 -28.59
C LYS F 10 5.58 24.12 -28.57
N ILE F 11 5.89 24.64 -29.76
CA ILE F 11 6.69 25.84 -29.91
C ILE F 11 6.02 26.75 -30.93
N ILE F 12 6.43 28.02 -30.93
CA ILE F 12 6.03 28.96 -31.96
C ILE F 12 7.25 29.23 -32.80
N LEU F 13 7.22 28.78 -34.05
CA LEU F 13 8.36 28.83 -34.97
C LEU F 13 7.92 29.58 -36.21
N ASN F 14 8.55 30.72 -36.48
CA ASN F 14 8.19 31.57 -37.62
C ASN F 14 6.71 31.92 -37.59
N GLY F 15 6.18 32.21 -36.41
CA GLY F 15 4.80 32.65 -36.29
C GLY F 15 3.76 31.57 -36.38
N GLU F 16 4.15 30.31 -36.46
CA GLU F 16 3.21 29.19 -36.55
C GLU F 16 3.48 28.23 -35.39
N MET F 17 2.41 27.75 -34.76
CA MET F 17 2.61 26.75 -33.70
C MET F 17 3.00 25.41 -34.33
N GLU F 18 4.04 24.79 -33.77
CA GLU F 18 4.57 23.53 -34.27
C GLU F 18 4.80 22.61 -33.07
N GLU F 19 4.77 21.30 -33.33
CA GLU F 19 5.20 20.31 -32.35
C GLU F 19 6.69 20.01 -32.53
N ALA F 20 7.40 19.92 -31.42
CA ALA F 20 8.83 19.60 -31.42
C ALA F 20 9.06 18.46 -30.43
N GLU F 21 10.22 17.82 -30.54
CA GLU F 21 10.58 16.62 -29.80
C GLU F 21 11.83 16.91 -28.99
N LEU F 22 11.74 16.73 -27.67
CA LEU F 22 12.89 16.89 -26.78
C LEU F 22 13.50 15.54 -26.45
N HIS F 23 14.83 15.47 -26.48
CA HIS F 23 15.57 14.32 -25.96
C HIS F 23 16.32 14.73 -24.69
N MET F 24 16.12 13.98 -23.61
CA MET F 24 16.87 14.16 -22.37
C MET F 24 17.80 12.97 -22.22
N ILE F 25 19.10 13.21 -22.23
CA ILE F 25 20.07 12.14 -22.02
C ILE F 25 20.84 12.44 -20.74
N THR F 26 20.58 11.64 -19.70
CA THR F 26 21.22 11.74 -18.41
C THR F 26 22.36 10.72 -18.37
N SER F 27 23.59 11.21 -18.28
CA SER F 27 24.80 10.41 -18.26
C SER F 27 25.43 10.45 -16.89
N PRO F 28 26.41 9.60 -16.62
CA PRO F 28 27.11 9.66 -15.34
C PRO F 28 27.80 11.00 -15.14
N ASN F 29 28.22 11.23 -13.90
CA ASN F 29 28.88 12.45 -13.48
C ASN F 29 27.97 13.66 -13.70
N ARG F 30 26.66 13.46 -13.51
CA ARG F 30 25.65 14.53 -13.54
C ARG F 30 25.60 15.26 -14.88
N HIS F 31 25.96 14.59 -15.96
CA HIS F 31 25.96 15.22 -17.27
C HIS F 31 24.55 15.13 -17.87
N CYS F 32 23.87 16.28 -17.92
CA CYS F 32 22.55 16.37 -18.54
C CYS F 32 22.68 16.96 -19.94
N CYS F 33 22.10 16.28 -20.92
CA CYS F 33 22.10 16.74 -22.30
C CYS F 33 20.68 16.87 -22.80
N LEU F 34 20.35 18.02 -23.38
CA LEU F 34 19.01 18.36 -23.88
C LEU F 34 19.09 18.69 -25.36
N LYS F 35 18.36 17.94 -26.18
CA LYS F 35 18.28 18.14 -27.62
C LYS F 35 16.85 18.45 -28.03
N ILE F 36 16.67 19.32 -29.05
CA ILE F 36 15.34 19.62 -29.56
C ILE F 36 15.33 19.36 -31.07
N PHE F 37 14.33 18.59 -31.53
CA PHE F 37 14.15 18.21 -32.92
C PHE F 37 12.83 18.76 -33.43
N HIS F 38 12.81 19.14 -34.69
CA HIS F 38 11.60 19.58 -35.35
C HIS F 38 11.61 19.03 -36.77
N ASN F 39 10.59 18.25 -37.13
CA ASN F 39 10.52 17.68 -38.47
C ASN F 39 11.82 16.94 -38.80
N ASN F 40 12.34 16.18 -37.83
CA ASN F 40 13.57 15.39 -38.02
C ASN F 40 14.78 16.24 -38.35
N ASN F 41 14.87 17.44 -37.80
CA ASN F 41 16.08 18.24 -37.81
C ASN F 41 16.42 18.60 -36.37
N GLN F 42 17.69 18.45 -35.98
CA GLN F 42 18.11 18.94 -34.68
C GLN F 42 18.33 20.45 -34.76
N LEU F 43 17.54 21.21 -34.01
CA LEU F 43 17.70 22.66 -34.06
C LEU F 43 18.82 23.13 -33.14
N ALA F 44 18.97 22.48 -31.99
CA ALA F 44 19.98 22.88 -31.01
C ALA F 44 20.14 21.80 -29.94
N GLU F 45 21.18 21.98 -29.14
CA GLU F 45 21.41 21.13 -27.98
C GLU F 45 22.18 21.93 -26.94
N SER F 46 22.06 21.49 -25.70
CA SER F 46 22.77 22.12 -24.60
C SER F 46 23.13 21.05 -23.56
N ASN F 47 24.25 21.28 -22.86
CA ASN F 47 24.75 20.36 -21.83
C ASN F 47 24.93 21.14 -20.54
N ASP F 48 24.63 20.53 -19.42
CA ASP F 48 24.77 21.22 -18.12
C ASP F 48 24.63 20.14 -17.05
N THR F 49 24.46 20.57 -15.80
CA THR F 49 24.30 19.63 -14.71
C THR F 49 22.85 19.55 -14.25
N ASP F 50 21.95 20.32 -14.84
CA ASP F 50 20.52 20.20 -14.62
C ASP F 50 19.80 20.68 -15.86
N TYR F 51 18.53 20.24 -16.01
CA TYR F 51 17.76 20.48 -17.22
C TYR F 51 17.11 21.85 -17.26
N PHE F 52 16.99 22.56 -16.14
CA PHE F 52 16.51 23.93 -16.23
C PHE F 52 17.58 24.82 -16.84
N SER F 53 18.84 24.59 -16.46
CA SER F 53 19.97 25.28 -17.08
C SER F 53 20.10 24.94 -18.55
N CYS F 54 19.98 23.65 -18.89
CA CYS F 54 20.03 23.25 -20.30
C CYS F 54 18.98 23.98 -21.10
N PHE F 55 17.75 24.02 -20.57
CA PHE F 55 16.60 24.59 -21.26
C PHE F 55 16.77 26.09 -21.44
N ALA F 56 17.29 26.77 -20.42
CA ALA F 56 17.56 28.17 -20.53
C ALA F 56 18.59 28.45 -21.62
N ASP F 57 19.64 27.63 -21.70
CA ASP F 57 20.64 27.84 -22.72
C ASP F 57 20.05 27.56 -24.10
N LEU F 58 19.16 26.58 -24.18
CA LEU F 58 18.48 26.25 -25.43
C LEU F 58 17.61 27.39 -25.93
N ARG F 59 16.84 28.01 -25.03
CA ARG F 59 15.99 29.12 -25.45
C ARG F 59 16.83 30.34 -25.85
N ASN F 60 18.03 30.46 -25.27
CA ASN F 60 18.93 31.55 -25.65
C ASN F 60 19.55 31.31 -27.02
N GLN F 61 19.84 30.05 -27.36
CA GLN F 61 20.34 29.77 -28.69
C GLN F 61 19.28 30.03 -29.75
N LEU F 62 18.02 29.75 -29.42
CA LEU F 62 16.92 29.84 -30.37
C LEU F 62 16.04 31.03 -30.00
N LYS F 63 16.64 32.23 -30.11
CA LYS F 63 16.02 33.48 -29.68
C LYS F 63 14.74 33.82 -30.45
N ASN F 64 14.53 33.27 -31.63
CA ASN F 64 13.33 33.59 -32.38
C ASN F 64 12.18 32.64 -32.15
N ILE F 65 12.33 31.69 -31.24
CA ILE F 65 11.32 30.68 -30.95
C ILE F 65 10.71 30.93 -29.58
N ILE F 66 9.39 30.80 -29.50
CA ILE F 66 8.65 30.82 -28.24
C ILE F 66 8.41 29.38 -27.84
N PHE F 67 8.73 29.05 -26.60
CA PHE F 67 8.56 27.70 -26.07
C PHE F 67 7.35 27.69 -25.13
N LEU F 68 6.32 26.94 -25.48
CA LEU F 68 5.07 26.92 -24.71
C LEU F 68 5.17 25.90 -23.57
N CYS F 69 6.09 26.18 -22.66
CA CYS F 69 6.42 25.30 -21.55
C CYS F 69 6.52 26.10 -20.27
N LYS F 70 6.20 25.43 -19.16
CA LYS F 70 6.31 26.05 -17.86
C LYS F 70 7.72 26.56 -17.58
N GLY F 71 8.73 25.80 -18.01
CA GLY F 71 10.11 26.19 -17.74
C GLY F 71 10.53 27.49 -18.41
N ALA F 72 9.74 27.99 -19.36
CA ALA F 72 9.99 29.26 -20.02
C ALA F 72 9.25 30.42 -19.39
N LYS F 73 8.40 30.16 -18.40
CA LYS F 73 7.51 31.17 -17.85
C LYS F 73 8.29 32.14 -16.96
N ILE F 74 7.97 33.43 -17.08
CA ILE F 74 8.80 34.44 -16.41
C ILE F 74 8.90 34.21 -14.91
N ASN F 75 7.84 33.69 -14.28
CA ASN F 75 7.85 33.53 -12.84
C ASN F 75 8.15 32.09 -12.39
N VAL F 76 8.65 31.24 -13.26
CA VAL F 76 9.01 29.87 -12.88
C VAL F 76 10.51 29.85 -12.66
N TYR F 77 10.96 29.13 -11.62
CA TYR F 77 12.37 28.94 -11.34
C TYR F 77 12.51 27.73 -10.40
N PRO F 78 13.58 26.94 -10.50
CA PRO F 78 13.76 25.86 -9.54
C PRO F 78 14.25 26.39 -8.20
N SER F 79 13.91 25.66 -7.15
CA SER F 79 14.55 25.88 -5.85
C SER F 79 15.92 25.22 -5.86
N ALA F 80 16.77 25.56 -4.89
CA ALA F 80 18.03 24.80 -4.76
C ALA F 80 17.74 23.31 -4.69
N MET F 81 16.79 22.92 -3.85
CA MET F 81 16.52 21.50 -3.66
C MET F 81 15.91 20.87 -4.91
N SER F 82 14.99 21.56 -5.58
CA SER F 82 14.35 20.96 -6.76
C SER F 82 15.34 20.84 -7.91
N ARG F 83 16.22 21.83 -8.07
CA ARG F 83 17.26 21.73 -9.08
C ARG F 83 18.13 20.53 -8.80
N ASP F 84 18.53 20.36 -7.54
CA ASP F 84 19.44 19.29 -7.15
C ASP F 84 18.78 17.91 -7.21
N MET F 85 17.62 17.76 -6.55
CA MET F 85 17.04 16.42 -6.43
C MET F 85 16.34 15.95 -7.70
N SER F 86 15.84 16.86 -8.54
CA SER F 86 15.09 16.46 -9.72
C SER F 86 15.85 16.72 -11.01
N ASP F 87 17.13 17.06 -10.92
CA ASP F 87 17.92 17.44 -12.09
C ASP F 87 17.26 18.60 -12.83
N GLY F 88 16.58 19.50 -12.11
CA GLY F 88 16.06 20.71 -12.72
C GLY F 88 14.73 20.55 -13.42
N ILE F 89 14.15 19.35 -13.41
CA ILE F 89 12.91 19.05 -14.10
C ILE F 89 11.71 19.62 -13.36
N VAL F 90 11.78 19.69 -12.05
CA VAL F 90 10.72 20.26 -11.25
C VAL F 90 11.17 21.65 -10.80
N ALA F 91 10.29 22.64 -11.00
CA ALA F 91 10.52 24.04 -10.69
C ALA F 91 9.28 24.57 -9.99
N TYR F 92 9.29 25.86 -9.62
CA TYR F 92 8.17 26.47 -8.93
C TYR F 92 7.62 27.67 -9.69
N GLU F 93 6.28 27.83 -9.63
CA GLU F 93 5.60 29.03 -10.06
C GLU F 93 5.50 30.00 -8.90
N THR F 94 6.13 31.17 -9.00
CA THR F 94 6.31 32.04 -7.85
C THR F 94 5.42 33.27 -7.93
N THR F 95 5.15 33.86 -6.75
CA THR F 95 4.32 35.04 -6.60
C THR F 95 5.02 36.05 -5.70
N LEU F 96 5.03 37.33 -6.12
CA LEU F 96 5.73 38.35 -5.36
C LEU F 96 5.24 38.39 -3.92
N GLY F 97 6.17 38.42 -2.96
CA GLY F 97 5.81 38.47 -1.56
C GLY F 97 5.59 37.12 -0.92
N GLN F 98 5.52 36.06 -1.70
CA GLN F 98 5.04 34.77 -1.17
C GLN F 98 6.12 33.71 -1.30
N PRO F 99 6.55 33.08 -0.20
CA PRO F 99 7.43 31.90 -0.34
C PRO F 99 6.77 30.84 -1.22
N GLY F 100 7.60 30.10 -1.95
CA GLY F 100 7.07 29.08 -2.84
C GLY F 100 6.60 27.87 -2.06
N LEU F 101 5.52 27.27 -2.52
CA LEU F 101 4.85 26.21 -1.82
C LEU F 101 4.84 24.95 -2.67
N PRO F 102 4.67 23.79 -2.04
CA PRO F 102 4.60 22.54 -2.83
C PRO F 102 3.51 22.56 -3.90
N GLU F 103 2.34 23.15 -3.60
CA GLU F 103 1.29 23.28 -4.61
C GLU F 103 1.69 24.14 -5.81
N ASN F 104 2.78 24.91 -5.75
CA ASN F 104 3.25 25.66 -6.91
C ASN F 104 4.27 24.90 -7.76
N GLN F 105 4.58 23.65 -7.41
CA GLN F 105 5.55 22.89 -8.20
C GLN F 105 5.00 22.58 -9.58
N VAL F 106 5.88 22.57 -10.58
CA VAL F 106 5.49 22.26 -11.96
C VAL F 106 6.65 21.49 -12.61
N HIS F 107 6.31 20.73 -13.64
CA HIS F 107 7.27 20.08 -14.53
C HIS F 107 7.63 21.06 -15.63
N ILE F 108 8.93 21.27 -15.86
CA ILE F 108 9.34 22.39 -16.70
C ILE F 108 8.90 22.19 -18.14
N PHE F 109 8.56 20.97 -18.56
CA PHE F 109 8.07 20.76 -19.94
C PHE F 109 6.56 20.56 -20.02
N ASP F 110 5.82 20.77 -18.94
CA ASP F 110 4.36 20.85 -19.01
C ASP F 110 3.94 22.08 -19.82
N PHE F 111 2.80 21.99 -20.50
CA PHE F 111 2.34 23.04 -21.41
C PHE F 111 2.11 24.36 -20.70
N GLU F 112 2.45 25.46 -21.37
CA GLU F 112 2.11 26.77 -20.85
C GLU F 112 2.10 27.77 -22.00
N ASP F 113 1.08 28.61 -22.03
CA ASP F 113 0.99 29.63 -23.07
C ASP F 113 0.94 31.07 -22.57
N LYS F 114 1.07 31.30 -21.27
CA LYS F 114 0.95 32.63 -20.70
C LYS F 114 2.30 33.05 -20.12
N TYR F 115 2.72 34.26 -20.44
CA TYR F 115 3.97 34.83 -19.91
C TYR F 115 5.18 33.99 -20.29
N VAL F 116 5.17 33.40 -21.49
CA VAL F 116 6.29 32.57 -21.91
C VAL F 116 7.08 33.18 -23.05
N ASP F 117 6.57 34.24 -23.66
CA ASP F 117 7.29 34.95 -24.71
C ASP F 117 8.24 35.98 -24.08
N ILE F 118 9.28 35.45 -23.46
CA ILE F 118 10.23 36.23 -22.67
C ILE F 118 11.57 35.49 -22.69
N THR F 119 12.65 36.22 -22.50
CA THR F 119 14.01 35.66 -22.54
C THR F 119 14.37 35.00 -21.21
N PRO F 120 15.31 34.03 -21.23
CA PRO F 120 15.88 33.54 -19.98
C PRO F 120 16.39 34.62 -19.06
N GLU F 121 16.97 35.69 -19.62
CA GLU F 121 17.47 36.80 -18.80
C GLU F 121 16.32 37.50 -18.09
N GLU F 122 15.16 37.67 -18.77
CA GLU F 122 13.98 38.24 -18.12
C GLU F 122 13.49 37.33 -17.02
N GLN F 123 13.52 36.03 -17.27
CA GLN F 123 13.15 35.06 -16.24
C GLN F 123 14.06 35.15 -15.04
N ARG F 124 15.38 35.15 -15.27
CA ARG F 124 16.31 35.23 -14.15
C ARG F 124 16.16 36.54 -13.38
N LYS F 125 15.93 37.65 -14.08
CA LYS F 125 15.74 38.95 -13.41
C LYS F 125 14.48 38.96 -12.55
N PHE F 126 13.37 38.41 -13.07
CA PHE F 126 12.19 38.31 -12.21
C PHE F 126 12.47 37.48 -10.98
N HIS F 127 13.20 36.36 -11.13
CA HIS F 127 13.44 35.53 -9.97
C HIS F 127 14.19 36.31 -8.89
N SER F 128 15.13 37.17 -9.28
CA SER F 128 15.83 37.99 -8.30
C SER F 128 14.88 38.98 -7.63
N GLN F 129 14.01 39.63 -8.41
CA GLN F 129 13.01 40.51 -7.81
C GLN F 129 12.11 39.72 -6.85
N TRP F 130 11.69 38.52 -7.25
CA TRP F 130 10.86 37.70 -6.39
C TRP F 130 11.56 37.40 -5.07
N PHE F 131 12.80 36.87 -5.14
CA PHE F 131 13.57 36.58 -3.94
C PHE F 131 13.66 37.79 -3.02
N GLU F 132 13.91 38.97 -3.59
CA GLU F 132 14.01 40.20 -2.78
C GLU F 132 12.65 40.61 -2.22
N SER F 133 11.57 40.25 -2.90
CA SER F 133 10.24 40.63 -2.41
C SER F 133 9.85 39.89 -1.14
N LEU F 134 10.61 38.87 -0.73
CA LEU F 134 10.28 38.15 0.50
C LEU F 134 10.78 38.86 1.75
N VAL F 135 11.66 39.86 1.61
CA VAL F 135 12.16 40.58 2.77
C VAL F 135 11.29 41.81 2.99
N ASP F 136 10.72 41.96 4.19
CA ASP F 136 9.90 43.13 4.51
C ASP F 136 10.65 44.28 5.20
N HIS F 137 11.84 44.03 5.77
CA HIS F 137 12.60 45.10 6.40
C HIS F 137 11.86 45.65 7.62
N HIS F 138 12.32 46.77 8.19
CA HIS F 138 11.82 47.25 9.47
C HIS F 138 10.93 48.49 9.37
N HIS F 139 10.62 48.93 8.15
CA HIS F 139 10.05 50.25 7.95
C HIS F 139 8.68 50.39 8.61
N HIS F 140 7.94 49.27 8.72
CA HIS F 140 6.55 49.34 9.16
C HIS F 140 6.40 49.54 10.67
N HIS F 141 7.49 49.50 11.44
CA HIS F 141 7.43 49.96 12.82
C HIS F 141 8.42 51.11 13.05
CA CA G . -0.51 21.20 -17.50
C1 PEG H . -6.31 -12.18 -7.21
O1 PEG H . -5.17 -12.60 -7.95
C2 PEG H . -6.33 -10.70 -7.06
O2 PEG H . -5.47 -10.33 -6.02
C3 PEG H . -5.54 -8.95 -5.71
C4 PEG H . -4.58 -8.22 -6.58
O4 PEG H . -4.07 -7.07 -5.96
H11 PEG H . -6.29 -12.60 -6.33
H12 PEG H . -7.11 -12.47 -7.68
HO1 PEG H . -5.07 -13.44 -7.98
H21 PEG H . -6.05 -10.29 -7.89
H22 PEG H . -7.23 -10.42 -6.83
H31 PEG H . -6.44 -8.64 -5.87
H32 PEG H . -5.30 -8.82 -4.77
H41 PEG H . -5.03 -7.97 -7.40
H42 PEG H . -3.83 -8.81 -6.79
HO4 PEG H . -3.50 -6.65 -6.43
CA CA I . -28.93 2.71 8.98
CA CA J . -21.10 -35.57 3.67
CA CA K . -15.92 -18.13 30.86
CA CA L . 2.01 -25.32 11.98
C1 PEG M . 8.22 -0.59 -6.37
O1 PEG M . 7.68 -1.63 -7.17
C2 PEG M . 8.65 0.58 -7.20
O2 PEG M . 9.89 0.32 -7.84
C3 PEG M . 10.00 0.95 -9.09
C4 PEG M . 11.29 0.62 -9.78
O4 PEG M . 11.03 -0.21 -10.92
H11 PEG M . 7.55 -0.30 -5.74
H12 PEG M . 8.99 -0.94 -5.90
HO1 PEG M . 7.50 -2.34 -6.74
H21 PEG M . 7.97 0.76 -7.86
H22 PEG M . 8.75 1.35 -6.61
H31 PEG M . 9.26 0.66 -9.66
H32 PEG M . 9.95 1.92 -8.96
H41 PEG M . 11.87 0.16 -9.17
H42 PEG M . 11.72 1.45 -10.08
HO4 PEG M . 11.73 -0.58 -11.24
CA CA N . 9.37 37.52 -28.34
CA CA O . 5.61 38.23 2.34
#